data_4BZ4
#
_entry.id   4BZ4
#
_cell.length_a   73.840
_cell.length_b   113.170
_cell.length_c   81.490
_cell.angle_alpha   90.00
_cell.angle_beta   104.51
_cell.angle_gamma   90.00
#
_symmetry.space_group_name_H-M   'P 1 21 1'
#
loop_
_entity.id
_entity.type
_entity.pdbx_description
1 polymer 'COPPER-REPRESSIBLE POLYPEPTIDE'
2 non-polymer 'COPPER (I) ION'
3 non-polymer 'CALCIUM ION'
4 non-polymer 'TETRAETHYLENE GLYCOL'
5 non-polymer 'HEXAETHYLENE GLYCOL'
6 water water
#
_entity_poly.entity_id   1
_entity_poly.type   'polypeptide(L)'
_entity_poly.pdbx_seq_one_letter_code
;MKYNNKFKSLALISVAAGLFFANPLQAATAISGTFFDKNNTSADMTVRAYSWYNLSMGYLG(KYN)THHSNWGFVKLKKG
KPVTIALTTEVSGLHPSITVWYRAGAKNPKTLPYMNGHAYKQFGDIYEPNAEATDAENNPVKVGNIIMKFITNGFDRDGM
GDALPAEYDQSQLYRVMDGVPGKLAITFTPPENGWYQFVVGAINPDIDSTAYGSGPGSGAGPATAHTVHVEVSIP
;
_entity_poly.pdbx_strand_id   A,B,C,D,E,F
#
# COMPACT_ATOMS: atom_id res chain seq x y z
N ALA A 28 -25.72 -11.54 -7.10
CA ALA A 28 -25.20 -10.57 -8.10
C ALA A 28 -25.91 -10.65 -9.41
N THR A 29 -25.74 -9.61 -10.22
CA THR A 29 -26.34 -9.56 -11.55
C THR A 29 -25.30 -9.02 -12.54
N ALA A 30 -25.22 -9.63 -13.72
CA ALA A 30 -24.40 -9.17 -14.79
C ALA A 30 -24.78 -7.78 -15.26
N ILE A 31 -23.74 -7.04 -15.62
CA ILE A 31 -23.88 -5.77 -16.29
C ILE A 31 -22.95 -5.70 -17.49
N SER A 32 -23.31 -4.86 -18.43
CA SER A 32 -22.50 -4.54 -19.60
C SER A 32 -21.56 -3.42 -19.15
N GLY A 33 -20.28 -3.62 -19.25
CA GLY A 33 -19.28 -2.60 -18.86
C GLY A 33 -18.63 -2.00 -20.10
N THR A 34 -18.28 -0.73 -19.99
CA THR A 34 -17.38 -0.06 -20.93
C THR A 34 -16.06 0.07 -20.24
N PHE A 35 -15.00 -0.45 -20.87
CA PHE A 35 -13.69 -0.42 -20.22
C PHE A 35 -12.87 0.74 -20.82
N PHE A 36 -12.11 1.41 -19.96
CA PHE A 36 -11.31 2.52 -20.40
C PHE A 36 -9.87 2.22 -20.09
N ASP A 37 -8.94 2.79 -20.86
CA ASP A 37 -7.55 2.80 -20.52
C ASP A 37 -6.86 3.93 -21.27
N LYS A 38 -5.53 4.02 -21.13
CA LYS A 38 -4.82 5.19 -21.68
C LYS A 38 -5.00 5.39 -23.20
N ASN A 39 -5.33 4.33 -23.92
CA ASN A 39 -5.58 4.41 -25.35
C ASN A 39 -7.04 4.43 -25.71
N ASN A 40 -7.90 4.42 -24.69
CA ASN A 40 -9.34 4.35 -24.89
C ASN A 40 -9.95 5.16 -23.73
N THR A 41 -9.89 6.47 -23.88
CA THR A 41 -10.19 7.36 -22.73
C THR A 41 -11.59 7.88 -22.78
N SER A 42 -12.34 7.57 -23.85
CA SER A 42 -13.63 8.25 -24.04
C SER A 42 -14.68 7.25 -24.53
N ALA A 43 -15.93 7.55 -24.26
CA ALA A 43 -17.01 6.68 -24.70
C ALA A 43 -18.31 7.42 -24.68
N ASP A 44 -19.27 6.95 -25.44
CA ASP A 44 -20.61 7.46 -25.35
C ASP A 44 -21.39 6.41 -24.64
N MET A 45 -22.01 6.78 -23.55
CA MET A 45 -22.85 5.89 -22.77
C MET A 45 -24.27 6.39 -22.92
N THR A 46 -25.23 5.49 -22.72
CA THR A 46 -26.64 5.81 -22.89
C THR A 46 -27.31 5.47 -21.58
N VAL A 47 -28.08 6.41 -21.07
CA VAL A 47 -28.72 6.21 -19.78
C VAL A 47 -30.10 6.81 -19.83
N ARG A 48 -30.97 6.34 -18.92
CA ARG A 48 -32.26 6.93 -18.74
C ARG A 48 -32.17 8.23 -17.92
N ALA A 49 -33.16 9.09 -18.12
CA ALA A 49 -33.17 10.44 -17.49
C ALA A 49 -33.27 10.40 -15.98
N TYR A 50 -33.82 9.35 -15.43
CA TYR A 50 -33.96 9.17 -13.96
C TYR A 50 -33.10 8.04 -13.44
N SER A 51 -32.24 7.49 -14.29
CA SER A 51 -31.49 6.23 -13.98
C SER A 51 -30.68 6.22 -12.66
N TRP A 52 -30.24 7.36 -12.23
CA TRP A 52 -29.35 7.40 -11.02
C TRP A 52 -30.15 7.64 -9.80
N TYR A 53 -31.42 8.02 -9.95
CA TYR A 53 -32.23 8.47 -8.82
C TYR A 53 -33.73 8.26 -9.16
N ASN A 54 -34.20 7.04 -9.02
CA ASN A 54 -35.57 6.76 -9.21
C ASN A 54 -36.44 7.35 -8.14
N LEU A 55 -37.66 7.76 -8.53
CA LEU A 55 -38.61 8.36 -7.55
C LEU A 55 -39.65 7.32 -7.11
N SER A 56 -39.12 6.37 -6.36
CA SER A 56 -39.85 5.25 -5.75
C SER A 56 -39.03 4.81 -4.55
N MET A 57 -39.66 4.06 -3.65
CA MET A 57 -38.91 3.34 -2.63
C MET A 57 -37.98 4.21 -1.86
N GLY A 58 -36.76 3.70 -1.87
CA GLY A 58 -35.63 4.30 -1.19
C GLY A 58 -34.79 5.21 -2.10
N TYR A 59 -35.36 5.70 -3.22
CA TYR A 59 -34.70 6.68 -4.10
C TYR A 59 -33.39 6.15 -4.62
N LEU A 60 -33.41 4.94 -5.13
CA LEU A 60 -32.22 4.26 -5.60
C LEU A 60 -32.00 4.40 -7.07
N GLY A 61 -30.77 4.26 -7.49
CA GLY A 61 -30.48 4.12 -8.89
C GLY A 61 -30.84 2.76 -9.41
N THR A 63 -29.62 -0.18 -11.71
CA THR A 63 -28.43 -0.76 -12.26
C THR A 63 -28.41 -0.83 -13.78
N HIS A 64 -29.51 -1.29 -14.34
CA HIS A 64 -29.54 -1.57 -15.78
C HIS A 64 -30.07 -0.46 -16.60
N HIS A 65 -30.61 0.61 -15.99
CA HIS A 65 -31.01 1.79 -16.67
C HIS A 65 -29.85 2.82 -16.76
N SER A 66 -28.83 2.54 -15.96
CA SER A 66 -27.61 3.30 -15.93
C SER A 66 -26.59 2.62 -16.83
N ASN A 67 -25.37 3.14 -16.89
CA ASN A 67 -24.33 2.52 -17.67
C ASN A 67 -23.04 2.46 -16.85
N TRP A 68 -22.29 1.38 -16.98
CA TRP A 68 -21.16 1.10 -16.12
C TRP A 68 -19.85 1.21 -16.83
N GLY A 69 -18.87 1.83 -16.15
CA GLY A 69 -17.49 1.88 -16.65
C GLY A 69 -16.52 1.27 -15.72
N PHE A 70 -15.39 0.85 -16.28
CA PHE A 70 -14.32 0.27 -15.52
C PHE A 70 -12.99 0.84 -15.98
N VAL A 71 -12.09 1.08 -15.04
CA VAL A 71 -10.76 1.59 -15.39
C VAL A 71 -9.77 1.19 -14.35
N LYS A 72 -8.58 0.77 -14.81
CA LYS A 72 -7.56 0.35 -13.86
C LYS A 72 -6.63 1.54 -13.66
N LEU A 73 -6.40 1.87 -12.41
CA LEU A 73 -5.72 3.07 -12.02
C LEU A 73 -4.62 2.78 -11.06
N LYS A 74 -3.65 3.69 -11.08
CA LYS A 74 -2.50 3.65 -10.14
C LYS A 74 -2.74 4.53 -8.98
N LYS A 75 -2.33 4.05 -7.80
CA LYS A 75 -2.49 4.78 -6.54
C LYS A 75 -1.83 6.15 -6.65
N GLY A 76 -2.46 7.16 -6.09
CA GLY A 76 -1.78 8.39 -5.76
C GLY A 76 -1.78 9.43 -6.82
N LYS A 77 -2.30 9.14 -8.00
CA LYS A 77 -2.27 10.14 -9.06
C LYS A 77 -3.70 10.58 -9.40
N PRO A 78 -4.03 11.89 -9.19
CA PRO A 78 -5.43 12.27 -9.42
C PRO A 78 -5.94 11.97 -10.80
N VAL A 79 -7.25 11.68 -10.83
CA VAL A 79 -8.01 11.31 -12.03
C VAL A 79 -9.19 12.25 -12.10
N THR A 80 -9.60 12.60 -13.33
CA THR A 80 -10.81 13.36 -13.56
C THR A 80 -11.67 12.56 -14.50
N ILE A 81 -12.95 12.51 -14.20
CA ILE A 81 -13.94 11.99 -15.19
C ILE A 81 -14.93 13.08 -15.49
N ALA A 82 -15.11 13.39 -16.78
CA ALA A 82 -15.97 14.42 -17.25
C ALA A 82 -17.07 13.82 -18.05
N LEU A 83 -18.30 14.30 -17.79
CA LEU A 83 -19.48 13.86 -18.47
C LEU A 83 -20.07 15.05 -19.15
N THR A 84 -20.52 14.86 -20.37
CA THR A 84 -21.24 15.93 -21.07
C THR A 84 -22.42 15.34 -21.85
N THR A 85 -23.47 16.13 -22.05
CA THR A 85 -24.62 15.72 -22.84
C THR A 85 -25.14 16.88 -23.62
N GLU A 86 -25.72 16.55 -24.78
CA GLU A 86 -26.42 17.56 -25.58
C GLU A 86 -27.93 17.56 -25.33
N VAL A 87 -28.44 16.64 -24.54
CA VAL A 87 -29.88 16.49 -24.39
C VAL A 87 -30.47 17.54 -23.49
N SER A 88 -31.44 18.31 -23.98
CA SER A 88 -32.03 19.42 -23.27
C SER A 88 -32.77 18.90 -22.02
N GLY A 89 -32.43 19.42 -20.83
CA GLY A 89 -33.08 19.03 -19.60
C GLY A 89 -32.40 17.91 -18.83
N LEU A 90 -31.41 17.26 -19.45
CA LEU A 90 -30.72 16.08 -18.85
C LEU A 90 -29.58 16.52 -17.92
N HIS A 91 -29.49 15.87 -16.76
CA HIS A 91 -28.40 16.20 -15.77
C HIS A 91 -27.62 14.96 -15.49
N PRO A 92 -26.45 14.85 -16.10
CA PRO A 92 -25.66 13.64 -15.89
C PRO A 92 -25.16 13.51 -14.46
N SER A 93 -24.87 12.29 -14.07
CA SER A 93 -24.40 11.97 -12.75
C SER A 93 -23.50 10.75 -12.76
N ILE A 94 -22.73 10.54 -11.69
CA ILE A 94 -21.80 9.48 -11.60
C ILE A 94 -21.48 9.14 -10.14
N THR A 95 -21.29 7.81 -9.91
CA THR A 95 -20.75 7.28 -8.66
C THR A 95 -19.54 6.46 -9.02
N VAL A 96 -18.44 6.67 -8.26
CA VAL A 96 -17.21 5.87 -8.42
C VAL A 96 -16.94 5.06 -7.14
N TRP A 97 -16.72 3.73 -7.33
CA TRP A 97 -16.19 2.86 -6.33
C TRP A 97 -14.86 2.23 -6.73
N TYR A 98 -14.09 1.82 -5.74
CA TYR A 98 -12.95 0.95 -5.92
C TYR A 98 -13.41 -0.51 -5.72
N ARG A 99 -13.14 -1.32 -6.73
CA ARG A 99 -13.55 -2.70 -6.73
C ARG A 99 -12.39 -3.51 -6.17
N ALA A 100 -12.41 -3.68 -4.87
CA ALA A 100 -11.25 -4.22 -4.14
C ALA A 100 -11.10 -5.73 -4.31
N GLY A 101 -9.83 -6.16 -4.44
CA GLY A 101 -9.51 -7.56 -4.49
C GLY A 101 -9.90 -8.20 -5.81
N ALA A 102 -10.18 -7.40 -6.83
CA ALA A 102 -10.69 -7.98 -8.04
C ALA A 102 -9.58 -8.88 -8.55
N LYS A 103 -9.91 -10.08 -9.03
CA LYS A 103 -8.91 -11.02 -9.53
C LYS A 103 -9.06 -11.08 -11.05
N ASN A 104 -9.66 -12.15 -11.57
CA ASN A 104 -9.90 -12.21 -13.02
C ASN A 104 -10.82 -11.06 -13.47
N PRO A 105 -10.39 -10.28 -14.48
CA PRO A 105 -11.20 -9.23 -15.02
C PRO A 105 -12.57 -9.69 -15.53
N LYS A 106 -12.73 -10.98 -15.88
CA LYS A 106 -14.03 -11.46 -16.32
C LYS A 106 -15.00 -11.46 -15.14
N THR A 107 -14.51 -11.32 -13.93
CA THR A 107 -15.37 -11.16 -12.73
C THR A 107 -15.78 -9.70 -12.48
N LEU A 108 -15.23 -8.76 -13.24
CA LEU A 108 -15.61 -7.35 -13.04
C LEU A 108 -17.05 -6.96 -13.35
N PRO A 109 -17.63 -7.34 -14.51
CA PRO A 109 -18.92 -6.76 -14.88
C PRO A 109 -20.13 -7.43 -14.25
N TYR A 110 -20.21 -7.22 -12.96
CA TYR A 110 -21.30 -7.63 -12.11
C TYR A 110 -21.57 -6.53 -11.12
N MET A 111 -22.81 -6.55 -10.61
CA MET A 111 -23.24 -5.67 -9.53
C MET A 111 -23.97 -6.48 -8.46
N ASN A 112 -24.11 -5.96 -7.26
CA ASN A 112 -24.70 -6.75 -6.21
C ASN A 112 -26.21 -6.88 -6.38
N GLY A 113 -26.84 -6.07 -7.21
CA GLY A 113 -28.28 -6.15 -7.41
C GLY A 113 -28.76 -5.14 -8.44
N HIS A 114 -30.05 -5.11 -8.66
CA HIS A 114 -30.66 -4.28 -9.68
C HIS A 114 -30.86 -2.84 -9.29
N ALA A 115 -30.64 -2.53 -8.03
CA ALA A 115 -30.70 -1.15 -7.56
C ALA A 115 -29.42 -0.80 -6.81
N TYR A 116 -29.10 0.49 -6.72
CA TYR A 116 -27.92 0.90 -5.97
C TYR A 116 -28.14 2.20 -5.27
N LYS A 117 -27.56 2.28 -4.09
CA LYS A 117 -27.46 3.58 -3.42
C LYS A 117 -26.32 4.39 -4.08
N GLN A 118 -26.50 5.70 -4.23
CA GLN A 118 -25.57 6.56 -4.95
C GLN A 118 -24.25 6.84 -4.20
N PHE A 119 -24.26 6.48 -2.91
CA PHE A 119 -23.09 6.64 -2.00
C PHE A 119 -23.10 5.42 -1.11
N GLY A 120 -22.05 5.26 -0.33
CA GLY A 120 -21.93 4.08 0.52
C GLY A 120 -21.31 2.90 -0.18
N ASP A 121 -20.83 2.01 0.68
CA ASP A 121 -20.03 0.90 0.23
C ASP A 121 -20.94 -0.30 -0.01
N ILE A 122 -20.47 -1.21 -0.86
CA ILE A 122 -21.23 -2.41 -1.22
C ILE A 122 -20.39 -3.63 -0.89
N TYR A 123 -21.04 -4.65 -0.30
CA TYR A 123 -20.39 -5.84 0.04
C TYR A 123 -21.27 -7.04 -0.21
N GLU A 124 -20.86 -7.92 -1.11
CA GLU A 124 -21.58 -9.19 -1.33
C GLU A 124 -20.57 -10.32 -1.36
N PRO A 125 -20.37 -10.99 -0.20
CA PRO A 125 -19.38 -12.04 -0.13
C PRO A 125 -19.83 -13.26 -0.96
N ASN A 126 -18.86 -13.92 -1.61
CA ASN A 126 -19.08 -15.18 -2.31
C ASN A 126 -20.23 -15.04 -3.26
N ALA A 127 -20.17 -13.99 -4.08
CA ALA A 127 -21.28 -13.62 -4.89
C ALA A 127 -21.46 -14.59 -6.05
N GLU A 128 -22.71 -14.86 -6.36
CA GLU A 128 -23.11 -15.61 -7.55
C GLU A 128 -24.09 -14.83 -8.43
N ALA A 129 -23.97 -15.03 -9.75
CA ALA A 129 -24.89 -14.42 -10.73
C ALA A 129 -25.28 -15.40 -11.77
N THR A 130 -26.01 -14.95 -12.79
CA THR A 130 -26.14 -15.71 -14.05
C THR A 130 -25.30 -15.13 -15.20
N PRO A 136 -25.53 -20.10 -13.93
CA PRO A 136 -24.78 -19.72 -12.72
C PRO A 136 -23.27 -19.49 -12.94
N VAL A 137 -22.74 -18.38 -12.40
CA VAL A 137 -21.29 -18.16 -12.33
C VAL A 137 -20.93 -17.73 -10.90
N LYS A 138 -19.73 -18.08 -10.43
CA LYS A 138 -19.25 -17.58 -9.18
C LYS A 138 -18.36 -16.39 -9.49
N VAL A 139 -18.70 -15.25 -8.86
CA VAL A 139 -18.05 -13.99 -9.15
C VAL A 139 -16.97 -13.65 -8.15
N GLY A 140 -16.95 -14.34 -7.01
CA GLY A 140 -16.08 -13.94 -5.94
C GLY A 140 -16.68 -12.85 -5.06
N ASN A 141 -15.90 -12.36 -4.13
CA ASN A 141 -16.40 -11.37 -3.15
C ASN A 141 -16.53 -10.08 -3.94
N ILE A 142 -17.69 -9.46 -3.94
CA ILE A 142 -17.80 -8.09 -4.49
C ILE A 142 -17.61 -7.14 -3.35
N ILE A 143 -16.53 -6.37 -3.42
CA ILE A 143 -16.26 -5.34 -2.42
C ILE A 143 -16.10 -4.02 -3.22
N MET A 144 -17.02 -3.11 -2.99
CA MET A 144 -17.00 -1.78 -3.67
C MET A 144 -16.92 -0.66 -2.61
N LYS A 145 -15.75 -0.03 -2.52
CA LYS A 145 -15.49 1.01 -1.55
C LYS A 145 -15.81 2.32 -2.24
N PHE A 146 -16.72 3.06 -1.69
CA PHE A 146 -17.11 4.37 -2.24
C PHE A 146 -15.98 5.31 -2.31
N ILE A 147 -15.82 5.94 -3.46
CA ILE A 147 -14.75 6.94 -3.72
C ILE A 147 -15.31 8.33 -3.79
N THR A 148 -16.28 8.57 -4.69
CA THR A 148 -16.84 9.89 -4.86
C THR A 148 -18.10 9.79 -5.71
N ASN A 149 -18.84 10.86 -5.81
CA ASN A 149 -19.96 10.93 -6.75
C ASN A 149 -20.16 12.37 -7.14
N GLY A 150 -21.09 12.62 -8.05
CA GLY A 150 -21.49 13.96 -8.36
C GLY A 150 -22.65 13.95 -9.31
N PHE A 151 -23.44 15.00 -9.27
CA PHE A 151 -24.41 15.29 -10.35
C PHE A 151 -24.44 16.73 -10.72
N ASP A 152 -24.75 16.94 -11.99
CA ASP A 152 -24.86 18.26 -12.62
C ASP A 152 -26.05 18.97 -12.06
N ARG A 153 -25.80 19.98 -11.21
CA ARG A 153 -26.84 20.69 -10.60
C ARG A 153 -27.14 22.02 -11.35
N ASP A 154 -26.37 22.36 -12.39
CA ASP A 154 -26.61 23.56 -13.14
C ASP A 154 -27.92 23.38 -13.95
N GLY A 155 -28.76 24.35 -13.90
CA GLY A 155 -30.00 24.31 -14.76
C GLY A 155 -31.19 23.74 -14.01
N MET A 156 -31.02 23.21 -12.82
CA MET A 156 -32.13 22.66 -12.07
C MET A 156 -32.95 23.69 -11.36
N GLY A 157 -32.54 24.96 -11.40
CA GLY A 157 -33.38 25.97 -10.82
C GLY A 157 -32.93 26.36 -9.45
N ASP A 158 -33.79 27.07 -8.76
CA ASP A 158 -33.44 27.77 -7.56
C ASP A 158 -33.40 26.81 -6.41
N ALA A 159 -34.21 25.73 -6.51
CA ALA A 159 -34.33 24.73 -5.46
C ALA A 159 -34.75 23.38 -6.06
N LEU A 160 -34.21 22.29 -5.51
CA LEU A 160 -34.61 20.99 -5.94
C LEU A 160 -35.75 20.55 -5.05
N PRO A 161 -36.61 19.68 -5.58
CA PRO A 161 -37.65 19.06 -4.77
C PRO A 161 -37.03 18.35 -3.54
N ALA A 162 -37.84 18.21 -2.49
CA ALA A 162 -37.36 17.64 -1.24
C ALA A 162 -36.89 16.20 -1.35
N GLU A 163 -37.38 15.46 -2.35
CA GLU A 163 -36.94 14.11 -2.52
C GLU A 163 -35.42 13.96 -2.74
N TYR A 164 -34.74 15.05 -3.10
CA TYR A 164 -33.30 15.02 -3.46
C TYR A 164 -32.44 15.47 -2.24
N ASP A 165 -33.07 15.61 -1.08
CA ASP A 165 -32.34 16.26 0.11
C ASP A 165 -31.52 15.21 0.90
N GLN A 166 -30.53 14.67 0.23
CA GLN A 166 -29.54 13.77 0.81
C GLN A 166 -28.20 14.46 0.58
N SER A 167 -27.46 14.69 1.68
CA SER A 167 -26.18 15.44 1.64
C SER A 167 -25.11 14.79 0.77
N GLN A 168 -25.08 13.46 0.72
CA GLN A 168 -24.03 12.72 0.06
C GLN A 168 -24.34 12.47 -1.39
N LEU A 169 -25.44 13.02 -1.88
CA LEU A 169 -25.69 13.07 -3.28
C LEU A 169 -25.04 14.37 -3.73
N TYR A 170 -23.82 14.32 -4.22
CA TYR A 170 -23.02 15.57 -4.33
C TYR A 170 -23.50 16.45 -5.48
N ARG A 171 -24.09 17.55 -5.14
CA ARG A 171 -24.52 18.56 -6.11
C ARG A 171 -23.31 19.35 -6.57
N VAL A 172 -23.01 19.31 -7.87
CA VAL A 172 -21.85 20.05 -8.36
C VAL A 172 -22.26 21.08 -9.42
N MET A 173 -21.75 22.30 -9.31
CA MET A 173 -22.07 23.36 -10.28
C MET A 173 -20.81 23.84 -10.94
N ASP A 174 -20.82 23.91 -12.26
CA ASP A 174 -19.73 24.44 -13.04
C ASP A 174 -20.22 25.59 -13.96
N GLY A 175 -21.44 26.00 -13.73
CA GLY A 175 -22.15 26.94 -14.53
C GLY A 175 -22.63 26.44 -15.88
N VAL A 176 -22.54 25.14 -16.18
CA VAL A 176 -22.91 24.65 -17.51
C VAL A 176 -23.90 23.49 -17.33
N PRO A 177 -25.19 23.69 -17.66
CA PRO A 177 -26.12 22.55 -17.59
C PRO A 177 -25.62 21.52 -18.57
N GLY A 178 -25.75 20.27 -18.17
CA GLY A 178 -25.44 19.17 -19.03
C GLY A 178 -23.98 18.73 -18.93
N LYS A 179 -23.20 19.41 -18.09
CA LYS A 179 -21.81 19.06 -17.94
C LYS A 179 -21.47 18.77 -16.47
N LEU A 180 -20.62 17.77 -16.25
CA LEU A 180 -20.20 17.41 -14.88
C LEU A 180 -18.75 17.00 -14.89
N ALA A 181 -17.97 17.37 -13.86
CA ALA A 181 -16.68 16.73 -13.66
C ALA A 181 -16.57 16.28 -12.22
N ILE A 182 -15.96 15.11 -12.04
CA ILE A 182 -15.58 14.61 -10.72
C ILE A 182 -14.08 14.38 -10.68
N THR A 183 -13.51 14.34 -9.47
CA THR A 183 -12.10 14.03 -9.35
C THR A 183 -11.90 13.17 -8.15
N PHE A 184 -10.79 12.44 -8.19
CA PHE A 184 -10.45 11.60 -7.06
C PHE A 184 -9.01 11.15 -7.22
N THR A 185 -8.36 10.79 -6.13
CA THR A 185 -7.04 10.19 -6.19
C THR A 185 -7.16 8.74 -5.75
N PRO A 186 -7.00 7.81 -6.66
CA PRO A 186 -7.05 6.38 -6.29
C PRO A 186 -6.29 6.03 -5.01
N PRO A 187 -6.98 5.47 -4.02
CA PRO A 187 -6.28 5.19 -2.77
C PRO A 187 -5.45 3.92 -2.88
N GLU A 188 -5.79 3.09 -3.87
CA GLU A 188 -5.16 1.78 -4.08
C GLU A 188 -4.98 1.51 -5.54
N ASN A 189 -3.93 0.81 -5.92
CA ASN A 189 -3.92 0.34 -7.30
C ASN A 189 -5.06 -0.61 -7.57
N GLY A 190 -5.61 -0.54 -8.76
CA GLY A 190 -6.54 -1.53 -9.24
C GLY A 190 -7.72 -0.98 -9.98
N TRP A 191 -8.83 -1.73 -9.98
CA TRP A 191 -10.00 -1.44 -10.79
C TRP A 191 -11.04 -0.55 -10.11
N TYR A 192 -11.36 0.51 -10.81
CA TYR A 192 -12.38 1.46 -10.41
C TYR A 192 -13.60 1.24 -11.25
N GLN A 193 -14.74 1.07 -10.57
CA GLN A 193 -16.01 0.68 -11.16
C GLN A 193 -16.92 1.85 -10.92
N PHE A 194 -17.44 2.39 -12.00
CA PHE A 194 -18.29 3.56 -11.88
C PHE A 194 -19.57 3.43 -12.66
N VAL A 195 -20.63 4.07 -12.15
CA VAL A 195 -21.91 4.11 -12.83
C VAL A 195 -22.20 5.52 -13.27
N VAL A 196 -22.69 5.65 -14.52
CA VAL A 196 -23.12 6.92 -15.08
C VAL A 196 -24.62 6.84 -15.22
N GLY A 197 -25.30 7.91 -14.86
CA GLY A 197 -26.73 7.99 -15.09
C GLY A 197 -27.16 9.45 -15.14
N ALA A 198 -28.42 9.67 -14.83
CA ALA A 198 -28.93 10.99 -14.80
C ALA A 198 -29.96 11.12 -13.73
N ILE A 199 -30.32 12.37 -13.43
CA ILE A 199 -31.13 12.74 -12.27
C ILE A 199 -31.95 13.98 -12.50
N ASN A 200 -33.19 13.94 -12.00
CA ASN A 200 -34.03 15.13 -11.97
C ASN A 200 -34.07 15.98 -13.23
N PRO A 201 -34.50 15.36 -14.36
CA PRO A 201 -34.61 16.15 -15.55
C PRO A 201 -35.55 17.35 -15.45
N ASP A 202 -35.24 18.42 -16.16
CA ASP A 202 -35.98 19.65 -16.02
C ASP A 202 -37.45 19.39 -16.38
N ILE A 203 -38.38 19.86 -15.55
CA ILE A 203 -39.81 19.63 -15.80
C ILE A 203 -40.21 20.09 -17.20
N ASP A 204 -40.91 19.18 -17.89
CA ASP A 204 -41.42 19.41 -19.22
C ASP A 204 -40.35 19.58 -20.31
N SER A 205 -39.10 19.22 -20.00
CA SER A 205 -38.07 19.23 -20.98
C SER A 205 -38.07 17.99 -21.84
N THR A 206 -37.21 17.96 -22.83
CA THR A 206 -37.04 16.77 -23.65
C THR A 206 -36.66 15.59 -22.75
N ALA A 207 -35.68 15.80 -21.88
CA ALA A 207 -35.26 14.72 -20.95
C ALA A 207 -36.32 14.23 -20.01
N TYR A 208 -37.18 15.14 -19.59
CA TYR A 208 -38.30 14.77 -18.69
C TYR A 208 -39.29 13.81 -19.39
N GLY A 209 -39.50 14.07 -20.66
CA GLY A 209 -40.41 13.19 -21.48
C GLY A 209 -41.74 13.13 -20.84
N SER A 210 -42.23 11.88 -20.66
CA SER A 210 -43.48 11.67 -20.02
C SER A 210 -43.47 11.71 -18.49
N GLY A 211 -42.31 12.01 -17.87
CA GLY A 211 -42.23 12.19 -16.46
C GLY A 211 -41.79 10.94 -15.73
N PRO A 212 -41.78 10.99 -14.40
CA PRO A 212 -41.15 9.93 -13.59
C PRO A 212 -41.92 8.60 -13.66
N GLY A 213 -43.23 8.65 -13.92
CA GLY A 213 -44.03 7.42 -13.99
C GLY A 213 -44.06 6.73 -12.63
N SER A 214 -43.83 5.41 -12.66
CA SER A 214 -43.77 4.56 -11.50
C SER A 214 -42.46 4.80 -10.68
N GLY A 215 -41.56 5.62 -11.23
CA GLY A 215 -40.28 6.03 -10.58
C GLY A 215 -39.06 6.00 -11.46
N ALA A 216 -39.08 5.17 -12.50
CA ALA A 216 -37.97 4.97 -13.38
C ALA A 216 -37.93 5.90 -14.60
N GLY A 217 -38.96 6.70 -14.74
CA GLY A 217 -39.14 7.52 -15.92
C GLY A 217 -39.31 6.80 -17.22
N PRO A 218 -39.16 7.56 -18.32
CA PRO A 218 -39.29 7.00 -19.66
C PRO A 218 -38.19 6.04 -19.94
N ALA A 219 -38.42 5.07 -20.82
CA ALA A 219 -37.37 4.12 -21.24
C ALA A 219 -36.37 4.74 -22.23
N THR A 220 -36.57 5.98 -22.68
CA THR A 220 -35.66 6.62 -23.59
C THR A 220 -34.25 6.62 -23.09
N ALA A 221 -33.32 6.20 -23.95
CA ALA A 221 -31.90 6.18 -23.63
C ALA A 221 -31.28 7.44 -24.25
N HIS A 222 -30.58 8.19 -23.40
CA HIS A 222 -29.95 9.44 -23.77
C HIS A 222 -28.44 9.34 -23.69
N THR A 223 -27.75 9.93 -24.65
CA THR A 223 -26.30 9.82 -24.71
C THR A 223 -25.60 10.77 -23.76
N VAL A 224 -24.69 10.22 -22.96
CA VAL A 224 -23.73 10.99 -22.17
C VAL A 224 -22.34 10.63 -22.60
N HIS A 225 -21.59 11.62 -23.06
CA HIS A 225 -20.21 11.45 -23.41
C HIS A 225 -19.32 11.47 -22.15
N VAL A 226 -18.40 10.50 -22.10
CA VAL A 226 -17.54 10.29 -20.93
C VAL A 226 -16.08 10.37 -21.30
N GLU A 227 -15.30 11.17 -20.57
CA GLU A 227 -13.90 11.27 -20.86
C GLU A 227 -13.20 11.00 -19.53
N VAL A 228 -12.29 10.06 -19.53
CA VAL A 228 -11.51 9.73 -18.30
C VAL A 228 -10.08 10.21 -18.50
N SER A 229 -9.59 11.10 -17.61
CA SER A 229 -8.22 11.68 -17.71
C SER A 229 -7.38 10.86 -16.83
N ILE A 230 -6.66 9.91 -17.49
CA ILE A 230 -5.74 9.00 -16.85
C ILE A 230 -4.34 9.55 -16.78
N PRO A 231 -3.78 9.61 -15.59
CA PRO A 231 -2.46 10.24 -15.53
C PRO A 231 -1.33 9.40 -16.08
N ALA B 28 2.14 26.32 -13.96
CA ALA B 28 1.87 26.69 -12.58
C ALA B 28 2.14 28.19 -12.39
N THR B 29 1.67 28.69 -11.28
CA THR B 29 1.76 30.11 -10.90
C THR B 29 2.28 30.29 -9.52
N ALA B 30 3.17 31.26 -9.33
CA ALA B 30 3.70 31.54 -8.05
C ALA B 30 2.67 32.18 -7.16
N ILE B 31 2.71 31.85 -5.87
CA ILE B 31 1.87 32.43 -4.84
C ILE B 31 2.72 32.85 -3.64
N SER B 32 2.29 33.89 -2.95
CA SER B 32 2.84 34.31 -1.70
C SER B 32 2.28 33.41 -0.60
N GLY B 33 3.17 32.75 0.17
CA GLY B 33 2.72 31.83 1.23
C GLY B 33 3.06 32.29 2.64
N THR B 34 2.22 31.98 3.60
CA THR B 34 2.57 32.13 4.99
C THR B 34 2.87 30.78 5.49
N PHE B 35 4.02 30.64 6.16
CA PHE B 35 4.45 29.35 6.73
C PHE B 35 4.16 29.34 8.20
N PHE B 36 3.70 28.17 8.67
CA PHE B 36 3.38 27.93 10.05
C PHE B 36 4.22 26.79 10.54
N ASP B 37 4.57 26.85 11.82
CA ASP B 37 5.11 25.73 12.53
C ASP B 37 4.82 25.81 14.04
N LYS B 38 5.32 24.84 14.79
CA LYS B 38 4.97 24.79 16.22
C LYS B 38 5.31 26.06 17.04
N ASN B 39 6.25 26.84 16.58
CA ASN B 39 6.55 28.14 17.14
C ASN B 39 5.96 29.32 16.50
N ASN B 40 5.23 29.09 15.40
CA ASN B 40 4.71 30.15 14.58
C ASN B 40 3.31 29.76 14.15
N THR B 41 2.37 29.96 15.05
CA THR B 41 1.07 29.32 14.95
C THR B 41 0.00 30.27 14.50
N SER B 42 0.29 31.54 14.41
CA SER B 42 -0.74 32.51 14.07
C SER B 42 -0.28 33.50 13.05
N ALA B 43 -1.23 34.00 12.26
CA ALA B 43 -0.91 34.97 11.26
C ALA B 43 -2.12 35.73 10.88
N ASP B 44 -1.97 37.00 10.45
CA ASP B 44 -3.07 37.71 9.80
C ASP B 44 -2.97 37.61 8.32
N MET B 45 -4.02 37.11 7.68
CA MET B 45 -4.01 36.97 6.27
C MET B 45 -5.01 38.01 5.76
N THR B 46 -4.83 38.48 4.55
CA THR B 46 -5.69 39.50 3.95
C THR B 46 -6.32 38.92 2.72
N VAL B 47 -7.64 38.97 2.64
CA VAL B 47 -8.36 38.26 1.53
C VAL B 47 -9.44 39.16 0.98
N ARG B 48 -9.85 38.96 -0.26
CA ARG B 48 -11.04 39.62 -0.80
C ARG B 48 -12.32 38.92 -0.30
N ALA B 49 -13.40 39.69 -0.18
CA ALA B 49 -14.64 39.25 0.37
C ALA B 49 -15.30 38.10 -0.38
N TYR B 50 -15.04 38.07 -1.66
CA TYR B 50 -15.53 36.98 -2.53
C TYR B 50 -14.48 36.01 -2.99
N SER B 51 -13.29 36.06 -2.38
CA SER B 51 -12.08 35.37 -2.88
C SER B 51 -12.12 33.85 -3.03
N TRP B 52 -12.88 33.25 -2.15
CA TRP B 52 -13.04 31.78 -2.15
C TRP B 52 -14.20 31.30 -3.03
N TYR B 53 -15.02 32.23 -3.53
CA TYR B 53 -16.26 31.81 -4.26
C TYR B 53 -16.72 33.00 -5.09
N ASN B 54 -16.10 33.14 -6.24
CA ASN B 54 -16.48 34.20 -7.16
C ASN B 54 -17.83 33.82 -7.81
N LEU B 55 -18.58 34.85 -8.19
CA LEU B 55 -19.93 34.69 -8.68
C LEU B 55 -19.88 34.89 -10.21
N SER B 56 -19.17 34.01 -10.86
CA SER B 56 -18.96 33.97 -12.28
C SER B 56 -18.69 32.53 -12.63
N MET B 57 -18.89 32.14 -13.86
CA MET B 57 -18.25 30.86 -14.31
C MET B 57 -18.83 29.57 -13.62
CA GLY B 58 -17.99 27.83 -12.39
C GLY B 58 -17.83 28.01 -10.88
N TYR B 59 -18.00 29.27 -10.44
CA TYR B 59 -18.08 29.58 -9.05
C TYR B 59 -16.81 29.17 -8.33
N LEU B 60 -15.71 29.62 -8.91
CA LEU B 60 -14.36 29.22 -8.43
C LEU B 60 -13.74 30.22 -7.52
N GLY B 61 -12.90 29.78 -6.61
CA GLY B 61 -12.07 30.68 -5.89
C GLY B 61 -10.98 31.29 -6.77
N THR B 63 -7.12 32.41 -6.90
CA THR B 63 -5.87 32.05 -6.26
C THR B 63 -5.19 33.21 -5.63
N HIS B 64 -5.16 34.33 -6.34
CA HIS B 64 -4.42 35.50 -5.87
C HIS B 64 -5.20 36.53 -5.11
N HIS B 65 -6.54 36.39 -5.06
CA HIS B 65 -7.38 37.23 -4.20
C HIS B 65 -7.47 36.62 -2.80
N SER B 66 -7.14 35.32 -2.75
CA SER B 66 -7.10 34.53 -1.51
C SER B 66 -5.73 34.61 -0.88
N ASN B 67 -5.46 33.94 0.24
CA ASN B 67 -4.15 33.89 0.81
C ASN B 67 -3.83 32.41 1.14
N TRP B 68 -2.58 32.05 1.03
CA TRP B 68 -2.17 30.67 1.15
C TRP B 68 -1.34 30.43 2.36
N GLY B 69 -1.52 29.27 2.97
CA GLY B 69 -0.75 28.89 4.11
C GLY B 69 -0.08 27.53 3.85
N PHE B 70 1.04 27.28 4.53
CA PHE B 70 1.75 26.01 4.45
C PHE B 70 2.17 25.56 5.79
N VAL B 71 2.02 24.27 6.08
CA VAL B 71 2.39 23.76 7.36
C VAL B 71 2.79 22.31 7.22
N LYS B 72 3.88 21.89 7.90
CA LYS B 72 4.37 20.53 7.77
C LYS B 72 3.85 19.80 9.01
N LEU B 73 3.17 18.69 8.77
CA LEU B 73 2.46 17.95 9.82
C LEU B 73 2.82 16.46 9.84
N LYS B 74 2.58 15.90 11.02
CA LYS B 74 2.78 14.50 11.30
C LYS B 74 1.49 13.72 11.13
N LYS B 75 1.58 12.56 10.51
CA LYS B 75 0.50 11.61 10.33
C LYS B 75 -0.18 11.32 11.66
N GLY B 76 -1.50 11.30 11.69
CA GLY B 76 -2.23 10.62 12.77
C GLY B 76 -2.65 11.44 13.98
N LYS B 77 -2.16 12.67 14.10
CA LYS B 77 -2.46 13.56 15.23
C LYS B 77 -3.43 14.66 14.68
N PRO B 78 -4.68 14.77 15.19
CA PRO B 78 -5.57 15.80 14.67
C PRO B 78 -5.03 17.22 14.79
N VAL B 79 -5.41 18.02 13.80
CA VAL B 79 -5.07 19.40 13.70
C VAL B 79 -6.35 20.26 13.58
N THR B 80 -6.31 21.44 14.20
CA THR B 80 -7.40 22.41 14.09
C THR B 80 -6.83 23.66 13.46
N ILE B 81 -7.56 24.20 12.52
CA ILE B 81 -7.29 25.53 12.03
C ILE B 81 -8.46 26.41 12.33
N ALA B 82 -8.18 27.55 12.99
CA ALA B 82 -9.19 28.48 13.45
C ALA B 82 -9.05 29.80 12.73
N LEU B 83 -10.17 30.28 12.24
CA LEU B 83 -10.20 31.54 11.51
C LEU B 83 -11.20 32.52 12.12
N THR B 84 -10.76 33.76 12.30
CA THR B 84 -11.63 34.76 12.84
C THR B 84 -11.41 36.08 12.14
N THR B 85 -12.45 36.92 12.11
CA THR B 85 -12.33 38.24 11.52
C THR B 85 -13.22 39.20 12.30
N GLU B 86 -12.83 40.48 12.25
CA GLU B 86 -13.60 41.57 12.86
C GLU B 86 -14.34 42.38 11.79
N VAL B 87 -14.21 41.98 10.53
CA VAL B 87 -14.86 42.68 9.45
C VAL B 87 -16.36 42.38 9.37
N SER B 88 -17.18 43.46 9.36
CA SER B 88 -18.57 43.32 9.37
C SER B 88 -19.02 42.74 8.09
N GLY B 89 -19.77 41.62 8.19
CA GLY B 89 -20.32 41.00 6.99
C GLY B 89 -19.43 39.95 6.31
N LEU B 90 -18.19 39.86 6.76
CA LEU B 90 -17.24 38.89 6.16
C LEU B 90 -17.39 37.51 6.72
N HIS B 91 -17.35 36.48 5.84
CA HIS B 91 -17.40 35.08 6.27
C HIS B 91 -16.18 34.31 5.79
N PRO B 92 -15.26 34.06 6.71
CA PRO B 92 -14.03 33.34 6.34
C PRO B 92 -14.28 31.94 5.87
N SER B 93 -13.32 31.46 5.11
CA SER B 93 -13.40 30.12 4.53
C SER B 93 -12.00 29.60 4.30
N ILE B 94 -11.92 28.27 4.08
CA ILE B 94 -10.66 27.57 3.90
C ILE B 94 -10.85 26.25 3.17
N THR B 95 -9.88 25.95 2.35
CA THR B 95 -9.69 24.59 1.79
C THR B 95 -8.30 24.14 2.17
N VAL B 96 -8.19 22.87 2.60
CA VAL B 96 -6.92 22.25 2.90
C VAL B 96 -6.65 21.08 1.95
N TRP B 97 -5.47 21.09 1.37
CA TRP B 97 -4.94 19.97 0.64
C TRP B 97 -3.65 19.43 1.22
N TYR B 98 -3.38 18.15 0.93
CA TYR B 98 -2.09 17.57 1.15
C TYR B 98 -1.24 17.72 -0.13
N ARG B 99 -0.06 18.36 0.02
CA ARG B 99 0.83 18.54 -1.16
C ARG B 99 1.81 17.40 -1.18
N ALA B 100 1.38 16.41 -1.96
CA ALA B 100 2.15 15.15 -2.00
C ALA B 100 3.48 15.28 -2.67
N GLY B 101 4.46 14.62 -2.06
CA GLY B 101 5.84 14.53 -2.64
C GLY B 101 6.72 15.71 -2.24
N ALA B 102 6.15 16.79 -1.76
CA ALA B 102 6.93 17.97 -1.61
C ALA B 102 7.64 17.97 -0.28
N LYS B 103 8.91 18.35 -0.32
CA LYS B 103 9.73 18.44 0.91
C LYS B 103 10.47 19.74 1.03
N ASN B 104 10.97 20.26 -0.05
CA ASN B 104 11.74 21.47 -0.01
C ASN B 104 10.76 22.61 0.04
N PRO B 105 10.88 23.46 1.06
CA PRO B 105 9.95 24.60 1.08
C PRO B 105 9.97 25.46 -0.13
N LYS B 106 11.05 25.53 -0.83
CA LYS B 106 11.10 26.32 -2.04
C LYS B 106 10.19 25.78 -3.12
N THR B 107 9.81 24.52 -3.02
CA THR B 107 8.95 24.01 -4.10
C THR B 107 7.43 24.31 -3.79
N LEU B 108 7.16 24.72 -2.60
CA LEU B 108 5.80 24.83 -2.07
C LEU B 108 4.96 25.98 -2.67
N PRO B 109 5.51 27.22 -2.75
CA PRO B 109 4.60 28.38 -3.00
C PRO B 109 4.23 28.54 -4.47
N TYR B 110 3.52 27.56 -4.97
CA TYR B 110 3.01 27.55 -6.32
C TYR B 110 1.63 26.93 -6.35
N MET B 111 0.79 27.27 -7.34
CA MET B 111 -0.53 26.63 -7.56
C MET B 111 -0.68 26.30 -9.01
N ASN B 112 -1.63 25.47 -9.35
CA ASN B 112 -1.79 25.05 -10.75
C ASN B 112 -2.41 26.06 -11.64
N GLY B 113 -3.06 27.06 -11.10
CA GLY B 113 -3.68 28.09 -11.97
C GLY B 113 -4.28 29.17 -11.10
N HIS B 114 -5.04 30.06 -11.71
CA HIS B 114 -5.53 31.27 -11.10
C HIS B 114 -6.90 31.14 -10.45
N ALA B 115 -7.50 29.97 -10.72
CA ALA B 115 -8.75 29.63 -10.10
C ALA B 115 -8.63 28.24 -9.44
N TYR B 116 -9.42 28.07 -8.41
CA TYR B 116 -9.47 26.76 -7.75
C TYR B 116 -10.90 26.39 -7.42
N LYS B 117 -11.15 25.09 -7.57
CA LYS B 117 -12.35 24.50 -7.00
C LYS B 117 -12.08 24.33 -5.49
N GLN B 118 -13.09 24.54 -4.68
CA GLN B 118 -12.99 24.55 -3.22
C GLN B 118 -12.91 23.14 -2.63
N PHE B 119 -13.17 22.15 -3.45
CA PHE B 119 -13.05 20.74 -3.10
C PHE B 119 -12.46 20.08 -4.35
N GLY B 120 -12.13 18.81 -4.22
CA GLY B 120 -11.51 18.07 -5.30
C GLY B 120 -9.99 18.18 -5.30
N ASP B 121 -9.37 17.31 -6.11
CA ASP B 121 -7.97 17.14 -6.16
C ASP B 121 -7.40 17.87 -7.39
N ILE B 122 -6.18 18.29 -7.27
CA ILE B 122 -5.43 19.06 -8.27
C ILE B 122 -4.24 18.25 -8.73
N TYR B 123 -4.04 18.22 -10.04
CA TYR B 123 -2.87 17.58 -10.58
C TYR B 123 -2.26 18.37 -11.73
N GLU B 124 -1.01 18.73 -11.58
CA GLU B 124 -0.25 19.42 -12.69
C GLU B 124 1.07 18.68 -12.83
N PRO B 125 1.12 17.69 -13.79
CA PRO B 125 2.42 17.00 -13.91
C PRO B 125 3.56 17.86 -14.44
N ASN B 126 4.77 17.63 -13.91
CA ASN B 126 6.01 18.24 -14.45
C ASN B 126 5.81 19.74 -14.54
N ALA B 127 5.25 20.32 -13.46
CA ALA B 127 4.85 21.77 -13.48
C ALA B 127 6.07 22.68 -13.63
N GLU B 128 5.86 23.72 -14.44
CA GLU B 128 6.75 24.87 -14.56
C GLU B 128 6.01 26.15 -14.27
N ALA B 129 6.69 27.02 -13.56
CA ALA B 129 6.12 28.36 -13.36
C ALA B 129 7.14 29.42 -13.73
N THR B 130 6.83 30.65 -13.38
CA THR B 130 7.83 31.75 -13.42
C THR B 130 7.85 32.43 -12.07
N ASP B 131 8.96 33.06 -11.73
CA ASP B 131 9.05 33.85 -10.52
C ASP B 131 8.70 35.31 -10.85
N ALA B 132 8.72 36.16 -9.84
CA ALA B 132 8.40 37.61 -10.03
C ALA B 132 9.33 38.34 -10.98
N GLU B 133 10.52 37.80 -11.19
CA GLU B 133 11.43 38.34 -12.22
C GLU B 133 11.22 37.74 -13.60
N ASN B 134 10.15 36.92 -13.76
CA ASN B 134 9.84 36.31 -15.01
C ASN B 134 10.84 35.24 -15.48
N ASN B 135 11.47 34.60 -14.51
CA ASN B 135 12.40 33.56 -14.80
C ASN B 135 11.72 32.20 -14.60
N PRO B 136 12.04 31.25 -15.45
CA PRO B 136 11.39 29.93 -15.37
C PRO B 136 11.85 29.14 -14.17
N VAL B 137 10.91 28.46 -13.52
CA VAL B 137 11.19 27.65 -12.35
C VAL B 137 10.51 26.28 -12.55
N LYS B 138 11.25 25.23 -12.21
CA LYS B 138 10.75 23.84 -12.31
C LYS B 138 10.20 23.54 -10.96
N VAL B 139 8.87 23.28 -10.89
CA VAL B 139 8.19 23.07 -9.61
C VAL B 139 8.09 21.57 -9.32
N GLY B 140 8.06 20.77 -10.35
CA GLY B 140 7.87 19.31 -10.21
C GLY B 140 6.39 18.97 -10.34
N ASN B 141 6.04 17.69 -10.12
CA ASN B 141 4.63 17.36 -10.13
C ASN B 141 3.88 18.03 -8.99
N ILE B 142 2.79 18.69 -9.28
CA ILE B 142 1.93 19.21 -8.24
C ILE B 142 0.76 18.25 -8.10
N ILE B 143 0.68 17.67 -6.92
CA ILE B 143 -0.38 16.77 -6.53
C ILE B 143 -0.91 17.26 -5.26
N MET B 144 -2.15 17.68 -5.30
CA MET B 144 -2.80 18.26 -4.11
C MET B 144 -4.06 17.42 -3.87
N LYS B 145 -4.04 16.68 -2.79
CA LYS B 145 -5.13 15.78 -2.38
C LYS B 145 -6.00 16.54 -1.36
N PHE B 146 -7.28 16.68 -1.70
CA PHE B 146 -8.22 17.39 -0.89
C PHE B 146 -8.34 16.69 0.45
N ILE B 147 -8.26 17.46 1.49
CA ILE B 147 -8.45 17.03 2.84
C ILE B 147 -9.77 17.46 3.46
N THR B 148 -10.01 18.77 3.58
CA THR B 148 -11.22 19.28 4.10
C THR B 148 -11.46 20.72 3.63
N ASN B 149 -12.61 21.25 3.97
CA ASN B 149 -12.90 22.68 3.73
C ASN B 149 -13.91 23.13 4.74
N GLY B 150 -14.19 24.39 4.78
CA GLY B 150 -15.33 24.90 5.52
C GLY B 150 -15.47 26.39 5.22
N PHE B 151 -16.69 26.85 5.40
CA PHE B 151 -16.92 28.29 5.57
C PHE B 151 -17.90 28.64 6.68
N ASP B 152 -17.69 29.82 7.25
CA ASP B 152 -18.57 30.36 8.28
C ASP B 152 -19.94 30.71 7.72
N ARG B 153 -20.96 29.92 8.05
CA ARG B 153 -22.27 30.09 7.54
C ARG B 153 -23.17 30.82 8.54
N ASP B 154 -22.64 31.07 9.74
CA ASP B 154 -23.37 31.90 10.72
C ASP B 154 -23.53 33.33 10.22
N GLY B 155 -24.74 33.84 10.30
CA GLY B 155 -25.00 35.23 9.89
C GLY B 155 -25.45 35.40 8.46
N MET B 156 -25.50 34.32 7.69
CA MET B 156 -25.84 34.42 6.29
C MET B 156 -27.36 34.38 6.13
N GLY B 157 -28.08 34.28 7.25
CA GLY B 157 -29.56 34.29 7.23
C GLY B 157 -30.17 32.93 7.00
N ASP B 158 -31.49 32.86 6.71
CA ASP B 158 -32.16 31.57 6.80
C ASP B 158 -31.93 30.69 5.61
N ALA B 159 -31.46 31.24 4.51
CA ALA B 159 -31.23 30.53 3.30
C ALA B 159 -30.15 31.22 2.48
N LEU B 160 -29.23 30.44 1.90
CA LEU B 160 -28.30 31.01 0.96
C LEU B 160 -28.85 31.04 -0.46
N PRO B 161 -28.33 31.92 -1.29
CA PRO B 161 -28.64 31.89 -2.67
C PRO B 161 -28.31 30.57 -3.29
N ALA B 162 -29.08 30.21 -4.30
CA ALA B 162 -28.86 28.94 -4.98
C ALA B 162 -27.47 28.74 -5.60
N GLU B 163 -26.76 29.80 -5.92
CA GLU B 163 -25.42 29.71 -6.43
C GLU B 163 -24.49 28.95 -5.47
N TYR B 164 -24.84 28.85 -4.19
CA TYR B 164 -24.00 28.17 -3.19
C TYR B 164 -24.39 26.71 -2.94
N ASP B 165 -25.29 26.14 -3.74
CA ASP B 165 -25.83 24.85 -3.49
C ASP B 165 -24.96 23.73 -4.04
N GLN B 166 -23.78 23.57 -3.43
CA GLN B 166 -22.87 22.47 -3.71
C GLN B 166 -22.60 21.76 -2.40
N SER B 167 -22.80 20.44 -2.45
CA SER B 167 -22.76 19.60 -1.25
C SER B 167 -21.35 19.61 -0.57
N GLN B 168 -20.31 19.67 -1.37
CA GLN B 168 -18.93 19.52 -0.95
C GLN B 168 -18.35 20.87 -0.45
N LEU B 169 -19.16 21.92 -0.54
CA LEU B 169 -18.78 23.28 -0.11
C LEU B 169 -19.33 23.41 1.32
N TYR B 170 -18.48 23.11 2.30
CA TYR B 170 -18.99 22.74 3.60
C TYR B 170 -19.41 23.95 4.45
N ARG B 171 -20.72 24.09 4.63
CA ARG B 171 -21.31 25.12 5.52
C ARG B 171 -21.15 24.69 6.94
N VAL B 172 -20.48 25.51 7.76
CA VAL B 172 -20.24 25.15 9.18
C VAL B 172 -20.84 26.23 10.05
N MET B 173 -21.57 25.83 11.09
CA MET B 173 -22.14 26.78 12.03
C MET B 173 -21.61 26.50 13.40
N ASP B 174 -21.08 27.53 14.06
CA ASP B 174 -20.78 27.45 15.49
C ASP B 174 -21.52 28.52 16.29
N GLY B 175 -22.46 29.18 15.65
CA GLY B 175 -23.30 30.20 16.26
C GLY B 175 -22.62 31.56 16.36
N VAL B 176 -21.45 31.74 15.76
CA VAL B 176 -20.73 32.98 15.77
C VAL B 176 -20.31 33.40 14.41
N PRO B 177 -20.96 34.43 13.88
CA PRO B 177 -20.56 35.02 12.63
C PRO B 177 -19.14 35.52 12.68
N GLY B 178 -18.40 35.31 11.58
CA GLY B 178 -17.00 35.75 11.48
C GLY B 178 -15.99 34.82 12.13
N LYS B 179 -16.42 33.67 12.63
CA LYS B 179 -15.52 32.66 13.20
C LYS B 179 -15.73 31.31 12.54
N LEU B 180 -14.64 30.58 12.33
CA LEU B 180 -14.68 29.24 11.71
C LEU B 180 -13.57 28.36 12.32
N ALA B 181 -13.89 27.12 12.55
CA ALA B 181 -12.87 26.12 12.82
C ALA B 181 -13.08 24.98 11.85
N ILE B 182 -11.98 24.42 11.40
CA ILE B 182 -11.99 23.15 10.64
C ILE B 182 -11.01 22.20 11.34
N THR B 183 -11.18 20.91 11.05
CA THR B 183 -10.31 19.88 11.62
C THR B 183 -10.00 18.87 10.62
N PHE B 184 -8.91 18.14 10.89
CA PHE B 184 -8.51 17.06 10.08
C PHE B 184 -7.37 16.32 10.75
N THR B 185 -7.21 15.08 10.33
CA THR B 185 -6.11 14.25 10.76
C THR B 185 -5.21 13.92 9.55
N PRO B 186 -3.99 14.49 9.50
CA PRO B 186 -3.11 14.33 8.31
C PRO B 186 -2.96 12.86 8.04
N PRO B 187 -3.32 12.41 6.84
CA PRO B 187 -3.19 10.97 6.52
C PRO B 187 -1.71 10.61 6.31
N GLU B 188 -0.89 11.60 5.99
CA GLU B 188 0.50 11.36 5.58
C GLU B 188 1.40 12.40 6.19
N ASN B 189 2.64 12.06 6.49
CA ASN B 189 3.57 13.04 6.93
C ASN B 189 3.86 13.95 5.72
N GLY B 190 3.97 15.23 6.04
CA GLY B 190 4.51 16.19 5.08
C GLY B 190 3.74 17.49 5.06
N TRP B 191 3.78 18.14 3.87
CA TRP B 191 3.25 19.52 3.76
C TRP B 191 1.81 19.56 3.41
N TYR B 192 1.11 20.38 4.16
CA TYR B 192 -0.25 20.73 3.93
C TYR B 192 -0.34 22.18 3.46
N GLN B 193 -1.02 22.33 2.36
CA GLN B 193 -1.22 23.58 1.62
C GLN B 193 -2.65 23.97 1.72
N PHE B 194 -2.94 25.15 2.28
CA PHE B 194 -4.30 25.58 2.44
C PHE B 194 -4.49 27.00 1.89
N VAL B 195 -5.71 27.26 1.50
CA VAL B 195 -6.11 28.57 1.01
C VAL B 195 -7.16 29.08 2.00
N VAL B 196 -6.99 30.37 2.35
CA VAL B 196 -7.98 31.05 3.14
C VAL B 196 -8.58 32.16 2.25
N GLY B 197 -9.90 32.28 2.34
CA GLY B 197 -10.61 33.32 1.67
C GLY B 197 -11.85 33.72 2.39
N ALA B 198 -12.81 34.21 1.61
CA ALA B 198 -14.14 34.54 2.12
C ALA B 198 -15.14 34.39 1.04
N ILE B 199 -16.41 34.39 1.52
CA ILE B 199 -17.54 33.95 0.71
C ILE B 199 -18.82 34.67 1.15
N ASN B 200 -19.65 34.98 0.16
CA ASN B 200 -21.04 35.48 0.39
C ASN B 200 -21.14 36.55 1.53
N PRO B 201 -20.42 37.67 1.30
CA PRO B 201 -20.51 38.66 2.35
C PRO B 201 -21.95 39.21 2.46
N ASP B 202 -22.35 39.56 3.68
CA ASP B 202 -23.70 40.03 4.00
C ASP B 202 -24.00 41.26 3.12
N ILE B 203 -25.20 41.24 2.55
CA ILE B 203 -25.59 42.26 1.52
C ILE B 203 -25.49 43.64 2.13
N ASP B 204 -24.77 44.51 1.41
CA ASP B 204 -24.56 45.92 1.76
C ASP B 204 -23.72 46.15 2.97
N SER B 205 -23.04 45.12 3.50
CA SER B 205 -22.10 45.31 4.60
C SER B 205 -20.76 45.86 4.11
N THR B 206 -19.89 46.16 5.06
CA THR B 206 -18.57 46.60 4.75
C THR B 206 -17.86 45.57 3.88
N ALA B 207 -18.05 44.29 4.21
CA ALA B 207 -17.43 43.25 3.40
C ALA B 207 -17.96 43.19 1.96
N TYR B 208 -19.25 43.45 1.80
CA TYR B 208 -19.89 43.46 0.49
C TYR B 208 -19.40 44.58 -0.35
N GLY B 209 -19.25 45.76 0.24
CA GLY B 209 -18.77 46.96 -0.48
C GLY B 209 -19.65 47.23 -1.72
N SER B 210 -19.04 47.27 -2.87
CA SER B 210 -19.79 47.52 -4.09
C SER B 210 -20.48 46.29 -4.70
N GLY B 211 -20.34 45.16 -4.03
CA GLY B 211 -21.02 43.92 -4.40
C GLY B 211 -20.15 43.06 -5.33
N PRO B 212 -20.75 42.01 -5.91
CA PRO B 212 -19.95 41.04 -6.67
C PRO B 212 -19.39 41.50 -7.99
N GLY B 213 -19.99 42.56 -8.55
CA GLY B 213 -19.61 42.98 -9.84
C GLY B 213 -19.69 41.85 -10.83
N SER B 214 -18.61 41.65 -11.57
CA SER B 214 -18.55 40.63 -12.56
C SER B 214 -18.12 39.28 -11.98
N GLY B 215 -17.96 39.21 -10.67
CA GLY B 215 -17.72 37.92 -10.00
C GLY B 215 -16.73 37.95 -8.88
N ALA B 216 -15.69 38.79 -9.00
CA ALA B 216 -14.64 38.85 -8.01
C ALA B 216 -14.84 39.79 -6.88
N GLY B 217 -15.91 40.59 -6.92
CA GLY B 217 -16.13 41.56 -5.87
C GLY B 217 -15.17 42.70 -5.85
N PRO B 218 -15.28 43.49 -4.79
CA PRO B 218 -14.37 44.62 -4.62
C PRO B 218 -12.91 44.19 -4.49
N ALA B 219 -12.01 45.10 -4.83
CA ALA B 219 -10.56 44.89 -4.69
C ALA B 219 -10.04 44.95 -3.23
N THR B 220 -10.90 45.32 -2.32
CA THR B 220 -10.59 45.59 -0.95
C THR B 220 -10.08 44.34 -0.26
N ALA B 221 -9.01 44.48 0.50
CA ALA B 221 -8.45 43.35 1.27
C ALA B 221 -8.94 43.45 2.71
N HIS B 222 -9.36 42.33 3.28
CA HIS B 222 -9.85 42.25 4.63
C HIS B 222 -9.04 41.26 5.43
N THR B 223 -8.82 41.59 6.70
CA THR B 223 -8.04 40.75 7.56
C THR B 223 -8.79 39.59 8.15
N VAL B 224 -8.17 38.41 8.00
CA VAL B 224 -8.62 37.21 8.65
C VAL B 224 -7.48 36.71 9.53
N HIS B 225 -7.73 36.51 10.83
CA HIS B 225 -6.73 36.00 11.73
C HIS B 225 -6.78 34.45 11.66
N VAL B 226 -5.64 33.83 11.44
CA VAL B 226 -5.52 32.38 11.23
C VAL B 226 -4.61 31.74 12.28
N GLU B 227 -5.06 30.66 12.90
CA GLU B 227 -4.28 29.94 13.88
C GLU B 227 -4.34 28.44 13.60
N VAL B 228 -3.18 27.84 13.69
CA VAL B 228 -2.99 26.44 13.42
C VAL B 228 -2.47 25.70 14.65
N SER B 229 -3.18 24.69 15.11
CA SER B 229 -2.79 23.99 16.31
C SER B 229 -2.16 22.66 15.88
N ILE B 230 -0.83 22.67 16.02
CA ILE B 230 0.08 21.64 15.54
C ILE B 230 0.57 20.75 16.66
N PRO B 231 0.09 19.52 16.71
CA PRO B 231 0.59 18.55 17.72
C PRO B 231 2.09 18.32 17.60
N ALA C 28 -11.61 14.52 30.16
CA ALA C 28 -12.43 13.40 29.64
C ALA C 28 -13.55 13.08 30.61
N THR C 29 -14.57 12.39 30.12
CA THR C 29 -15.71 12.06 30.95
C THR C 29 -16.06 10.62 30.60
N ALA C 30 -16.42 9.85 31.63
CA ALA C 30 -16.80 8.49 31.45
C ALA C 30 -18.15 8.45 30.75
N ILE C 31 -18.30 7.40 29.92
CA ILE C 31 -19.55 7.07 29.25
C ILE C 31 -19.78 5.59 29.45
N SER C 32 -21.05 5.24 29.44
CA SER C 32 -21.43 3.89 29.45
C SER C 32 -21.48 3.32 28.01
N GLY C 33 -20.58 2.43 27.66
CA GLY C 33 -20.49 1.95 26.28
C GLY C 33 -21.24 0.64 26.09
N THR C 34 -21.84 0.49 24.93
CA THR C 34 -22.28 -0.83 24.40
C THR C 34 -21.24 -1.40 23.44
N PHE C 35 -20.71 -2.59 23.78
CA PHE C 35 -19.60 -3.17 23.06
C PHE C 35 -20.18 -4.24 22.16
N PHE C 36 -19.84 -4.17 20.91
CA PHE C 36 -20.31 -5.12 19.89
C PHE C 36 -19.18 -6.03 19.45
N ASP C 37 -19.54 -7.26 18.99
CA ASP C 37 -18.59 -8.16 18.43
C ASP C 37 -19.35 -9.16 17.61
N LYS C 38 -18.67 -10.11 16.99
CA LYS C 38 -19.33 -10.96 16.04
C LYS C 38 -20.44 -11.85 16.65
N ASN C 39 -20.34 -12.04 17.94
CA ASN C 39 -21.39 -12.78 18.67
C ASN C 39 -22.33 -11.87 19.45
N ASN C 40 -22.25 -10.57 19.23
CA ASN C 40 -23.05 -9.58 19.92
C ASN C 40 -23.22 -8.38 18.99
N THR C 41 -24.09 -8.57 18.04
CA THR C 41 -24.20 -7.64 16.91
C THR C 41 -25.36 -6.69 16.99
N SER C 42 -26.22 -6.84 17.97
CA SER C 42 -27.38 -5.94 18.09
C SER C 42 -27.61 -5.55 19.52
N ALA C 43 -28.17 -4.36 19.67
CA ALA C 43 -28.53 -3.88 21.00
C ALA C 43 -29.63 -2.85 20.87
N ASP C 44 -30.35 -2.64 21.97
CA ASP C 44 -31.24 -1.54 22.11
C ASP C 44 -30.55 -0.43 22.89
N MET C 45 -30.45 0.74 22.29
CA MET C 45 -29.90 1.92 22.96
C MET C 45 -31.04 2.85 23.28
N THR C 46 -30.85 3.74 24.23
CA THR C 46 -31.82 4.73 24.57
C THR C 46 -31.17 6.06 24.40
N VAL C 47 -31.92 6.99 23.79
CA VAL C 47 -31.44 8.31 23.51
C VAL C 47 -32.54 9.31 23.74
N ARG C 48 -32.15 10.57 23.95
CA ARG C 48 -33.09 11.65 23.97
C ARG C 48 -33.41 12.12 22.54
N ALA C 49 -34.58 12.71 22.36
CA ALA C 49 -35.04 13.07 21.01
C ALA C 49 -34.21 14.16 20.30
N TYR C 50 -33.53 15.02 21.10
CA TYR C 50 -32.67 16.03 20.58
C TYR C 50 -31.17 15.77 20.85
N SER C 51 -30.86 14.59 21.30
CA SER C 51 -29.56 14.24 21.85
C SER C 51 -28.34 14.50 20.94
N TRP C 52 -28.54 14.33 19.62
CA TRP C 52 -27.48 14.47 18.63
C TRP C 52 -27.36 15.85 18.11
N TYR C 53 -28.29 16.74 18.46
CA TYR C 53 -28.33 18.08 17.82
C TYR C 53 -29.17 19.01 18.67
N ASN C 54 -28.56 19.43 19.76
CA ASN C 54 -29.21 20.40 20.63
C ASN C 54 -29.38 21.76 19.90
N LEU C 55 -30.46 22.46 20.25
CA LEU C 55 -30.82 23.74 19.60
C LEU C 55 -30.41 24.97 20.41
N SER C 56 -29.11 25.08 20.56
CA SER C 56 -28.43 26.08 21.37
C SER C 56 -27.05 26.24 20.81
N MET C 57 -26.38 27.37 21.07
CA MET C 57 -24.93 27.37 20.82
C MET C 57 -24.57 27.06 19.38
N GLY C 58 -23.58 26.15 19.30
CA GLY C 58 -23.09 25.69 18.05
C GLY C 58 -23.73 24.38 17.68
N TYR C 59 -24.89 24.11 18.22
CA TYR C 59 -25.71 23.02 17.74
C TYR C 59 -25.05 21.66 17.96
N LEU C 60 -24.61 21.42 19.23
CA LEU C 60 -23.86 20.24 19.54
C LEU C 60 -24.74 19.10 20.06
N GLY C 61 -24.27 17.86 19.90
CA GLY C 61 -24.80 16.70 20.59
C GLY C 61 -24.40 16.70 22.06
N THR C 63 -23.29 14.40 24.99
CA THR C 63 -22.62 13.10 25.24
C THR C 63 -23.43 12.13 26.05
N HIS C 64 -24.03 12.59 27.15
CA HIS C 64 -24.76 11.70 28.07
C HIS C 64 -26.21 11.46 27.76
N HIS C 65 -26.78 12.28 26.87
CA HIS C 65 -28.16 12.13 26.40
C HIS C 65 -28.18 11.20 25.23
N SER C 66 -27.00 10.96 24.65
CA SER C 66 -26.87 10.01 23.55
C SER C 66 -26.39 8.69 24.13
N ASN C 67 -26.17 7.69 23.28
CA ASN C 67 -25.63 6.38 23.69
C ASN C 67 -24.48 6.04 22.77
N TRP C 68 -23.47 5.46 23.35
CA TRP C 68 -22.24 5.19 22.67
C TRP C 68 -22.02 3.69 22.44
N GLY C 69 -21.50 3.38 21.27
CA GLY C 69 -21.15 2.03 20.90
C GLY C 69 -19.71 1.89 20.48
N PHE C 70 -19.20 0.68 20.66
CA PHE C 70 -17.82 0.37 20.29
C PHE C 70 -17.78 -0.94 19.58
N VAL C 71 -16.97 -1.01 18.54
CA VAL C 71 -16.73 -2.24 17.79
C VAL C 71 -15.34 -2.21 17.26
N LYS C 72 -14.67 -3.35 17.28
CA LYS C 72 -13.30 -3.45 16.77
C LYS C 72 -13.32 -4.11 15.42
N LEU C 73 -12.74 -3.48 14.44
CA LEU C 73 -12.92 -3.84 13.06
C LEU C 73 -11.61 -3.98 12.29
N LYS C 74 -11.63 -4.78 11.23
CA LYS C 74 -10.50 -4.97 10.30
C LYS C 74 -10.66 -4.03 9.14
N LYS C 75 -9.51 -3.53 8.71
CA LYS C 75 -9.32 -2.74 7.53
C LYS C 75 -9.90 -3.39 6.35
N GLY C 76 -10.56 -2.60 5.52
CA GLY C 76 -10.85 -3.04 4.18
C GLY C 76 -12.10 -3.78 3.79
N LYS C 77 -12.88 -4.21 4.78
CA LYS C 77 -14.15 -4.85 4.48
C LYS C 77 -15.30 -3.98 4.98
N PRO C 78 -16.28 -3.72 4.10
CA PRO C 78 -17.37 -2.82 4.48
C PRO C 78 -18.22 -3.31 5.65
N VAL C 79 -18.63 -2.31 6.42
CA VAL C 79 -19.47 -2.44 7.62
C VAL C 79 -20.71 -1.61 7.45
N THR C 80 -21.85 -2.15 7.90
CA THR C 80 -23.13 -1.44 7.89
C THR C 80 -23.59 -1.36 9.33
N ILE C 81 -24.11 -0.20 9.72
CA ILE C 81 -24.77 -0.04 11.01
C ILE C 81 -26.16 0.46 10.67
N ALA C 82 -27.15 -0.24 11.20
CA ALA C 82 -28.55 0.08 10.99
C ALA C 82 -29.27 0.39 12.25
N LEU C 83 -30.03 1.48 12.22
CA LEU C 83 -30.76 2.01 13.33
C LEU C 83 -32.26 1.97 13.00
N THR C 84 -33.06 1.53 13.96
CA THR C 84 -34.53 1.45 13.74
C THR C 84 -35.17 1.89 15.04
N THR C 85 -36.31 2.57 14.94
CA THR C 85 -37.05 2.91 16.14
C THR C 85 -38.57 2.78 15.86
N GLU C 86 -39.31 2.43 16.90
CA GLU C 86 -40.76 2.37 16.82
C GLU C 86 -41.37 3.63 17.38
N VAL C 87 -40.57 4.58 17.85
CA VAL C 87 -41.10 5.84 18.42
C VAL C 87 -41.59 6.82 17.36
N SER C 88 -42.87 7.20 17.48
CA SER C 88 -43.46 8.13 16.58
C SER C 88 -42.79 9.50 16.58
N GLY C 89 -42.29 9.94 15.43
CA GLY C 89 -41.65 11.22 15.27
C GLY C 89 -40.14 11.30 15.53
N LEU C 90 -39.57 10.19 15.98
CA LEU C 90 -38.16 10.11 16.35
C LEU C 90 -37.34 9.85 15.09
N HIS C 91 -36.23 10.61 14.94
CA HIS C 91 -35.32 10.39 13.77
C HIS C 91 -33.92 9.99 14.32
N PRO C 92 -33.61 8.71 14.25
CA PRO C 92 -32.28 8.33 14.76
C PRO C 92 -31.11 8.87 13.94
N SER C 93 -29.97 8.95 14.60
CA SER C 93 -28.74 9.52 13.98
C SER C 93 -27.55 8.87 14.59
N ILE C 94 -26.40 9.02 13.93
CA ILE C 94 -25.18 8.36 14.36
C ILE C 94 -24.00 9.11 13.77
N THR C 95 -22.95 9.17 14.57
CA THR C 95 -21.59 9.54 14.11
C THR C 95 -20.64 8.44 14.49
N VAL C 96 -19.77 8.08 13.55
CA VAL C 96 -18.70 7.09 13.77
C VAL C 96 -17.31 7.70 13.64
N TRP C 97 -16.46 7.43 14.61
CA TRP C 97 -15.08 7.76 14.56
C TRP C 97 -14.22 6.53 14.77
N TYR C 98 -12.99 6.65 14.28
CA TYR C 98 -11.93 5.70 14.58
C TYR C 98 -11.24 6.18 15.82
N ARG C 99 -11.17 5.33 16.83
CA ARG C 99 -10.51 5.64 18.08
C ARG C 99 -9.08 5.09 17.99
N ALA C 100 -8.15 5.98 17.61
CA ALA C 100 -6.79 5.56 17.28
C ALA C 100 -6.08 5.16 18.56
N GLY C 101 -5.28 4.12 18.46
CA GLY C 101 -4.23 3.92 19.39
C GLY C 101 -4.65 3.34 20.69
N ALA C 102 -5.90 2.97 20.85
CA ALA C 102 -6.36 2.44 22.11
C ALA C 102 -6.05 1.01 21.91
N LYS C 103 -5.22 0.46 22.79
CA LYS C 103 -4.76 -0.93 22.74
C LYS C 103 -5.25 -1.60 24.00
N ASN C 104 -5.39 -0.83 25.07
CA ASN C 104 -6.06 -1.28 26.31
C ASN C 104 -7.55 -0.94 26.24
N PRO C 105 -8.43 -1.96 26.03
CA PRO C 105 -9.86 -1.69 25.91
C PRO C 105 -10.44 -0.91 27.11
N LYS C 106 -9.80 -0.97 28.26
CA LYS C 106 -10.31 -0.30 29.43
C LYS C 106 -10.29 1.27 29.36
N THR C 107 -9.49 1.77 28.42
CA THR C 107 -9.45 3.22 28.15
C THR C 107 -10.55 3.65 27.18
N LEU C 108 -11.31 2.71 26.63
CA LEU C 108 -12.27 3.09 25.60
C LEU C 108 -13.47 3.94 26.06
N PRO C 109 -14.12 3.62 27.23
CA PRO C 109 -15.43 4.23 27.53
C PRO C 109 -15.31 5.61 28.20
N TYR C 110 -14.70 6.50 27.44
CA TYR C 110 -14.56 7.88 27.74
C TYR C 110 -14.78 8.73 26.47
N MET C 111 -15.17 10.01 26.71
CA MET C 111 -15.34 10.99 25.67
C MET C 111 -14.67 12.30 26.11
N ASN C 112 -14.36 13.18 25.16
CA ASN C 112 -13.56 14.33 25.52
C ASN C 112 -14.29 15.43 26.26
N GLY C 113 -15.57 15.27 26.44
CA GLY C 113 -16.39 16.19 27.24
C GLY C 113 -17.86 15.92 27.01
N HIS C 114 -18.69 16.82 27.52
CA HIS C 114 -20.13 16.59 27.62
C HIS C 114 -20.91 16.91 26.34
N ALA C 115 -20.24 17.56 25.41
CA ALA C 115 -20.79 17.92 24.09
C ALA C 115 -19.91 17.38 23.01
N TYR C 116 -20.47 17.22 21.80
CA TYR C 116 -19.72 16.81 20.65
C TYR C 116 -20.24 17.47 19.36
N LYS C 117 -19.32 17.79 18.49
CA LYS C 117 -19.65 18.07 17.11
C LYS C 117 -19.95 16.74 16.43
N GLN C 118 -20.89 16.73 15.50
CA GLN C 118 -21.35 15.53 14.85
C GLN C 118 -20.44 15.07 13.74
N PHE C 119 -19.45 15.91 13.39
CA PHE C 119 -18.45 15.64 12.37
C PHE C 119 -17.17 16.33 12.86
N GLY C 120 -16.07 16.02 12.19
CA GLY C 120 -14.74 16.46 12.61
C GLY C 120 -14.07 15.57 13.63
N ASP C 121 -12.78 15.84 13.84
CA ASP C 121 -11.93 15.03 14.59
C ASP C 121 -11.70 15.60 15.98
N ILE C 122 -11.38 14.72 16.92
CA ILE C 122 -11.25 15.00 18.35
C ILE C 122 -9.90 14.63 18.79
N TYR C 123 -9.26 15.50 19.58
CA TYR C 123 -7.98 15.21 20.17
C TYR C 123 -7.92 15.77 21.58
N GLU C 124 -7.80 14.88 22.56
CA GLU C 124 -7.57 15.24 23.98
C GLU C 124 -6.29 14.57 24.43
N PRO C 125 -5.18 15.32 24.34
CA PRO C 125 -3.91 14.70 24.75
C PRO C 125 -3.83 14.43 26.22
N ASN C 126 -3.27 13.29 26.60
CA ASN C 126 -3.09 12.94 28.03
C ASN C 126 -4.33 13.11 28.83
N ALA C 127 -5.43 12.55 28.33
CA ALA C 127 -6.73 12.82 28.86
C ALA C 127 -6.89 12.20 30.25
N GLU C 128 -7.52 12.93 31.11
CA GLU C 128 -7.88 12.49 32.50
C GLU C 128 -9.34 12.62 32.69
N ALA C 129 -9.92 11.59 33.31
CA ALA C 129 -11.28 11.60 33.79
C ALA C 129 -11.22 11.59 35.36
N THR C 130 -12.37 11.67 36.01
CA THR C 130 -12.43 11.54 37.49
C THR C 130 -13.52 10.54 37.82
N PRO C 136 -8.86 11.10 40.04
CA PRO C 136 -8.42 11.27 38.65
C PRO C 136 -7.90 9.96 38.05
N VAL C 137 -8.26 9.74 36.77
CA VAL C 137 -8.00 8.50 36.05
C VAL C 137 -7.32 8.84 34.71
N LYS C 138 -6.18 8.24 34.43
CA LYS C 138 -5.45 8.51 33.21
C LYS C 138 -5.96 7.64 32.12
N VAL C 139 -6.52 8.24 31.07
CA VAL C 139 -7.17 7.53 29.97
C VAL C 139 -6.26 7.42 28.71
N GLY C 140 -5.17 8.15 28.72
CA GLY C 140 -4.31 8.26 27.54
C GLY C 140 -4.78 9.37 26.59
N ASN C 141 -4.13 9.46 25.45
CA ASN C 141 -4.53 10.35 24.41
C ASN C 141 -5.82 9.83 23.82
N ILE C 142 -6.81 10.70 23.68
CA ILE C 142 -8.02 10.39 22.97
C ILE C 142 -7.86 11.00 21.59
N ILE C 143 -7.85 10.14 20.57
CA ILE C 143 -7.80 10.56 19.23
C ILE C 143 -8.96 9.91 18.55
N MET C 144 -9.84 10.70 17.93
CA MET C 144 -11.03 10.14 17.22
C MET C 144 -11.04 10.77 15.87
N LYS C 145 -10.93 9.96 14.85
CA LYS C 145 -10.89 10.42 13.51
C LYS C 145 -12.27 10.15 12.91
N PHE C 146 -12.94 11.19 12.42
CA PHE C 146 -14.22 11.07 11.82
C PHE C 146 -14.24 10.10 10.67
N ILE C 147 -15.22 9.20 10.67
CA ILE C 147 -15.44 8.27 9.56
C ILE C 147 -16.66 8.63 8.73
N THR C 148 -17.81 8.70 9.37
CA THR C 148 -19.05 8.97 8.70
C THR C 148 -20.09 9.33 9.71
N ASN C 149 -21.23 9.81 9.21
CA ASN C 149 -22.42 10.09 10.03
C ASN C 149 -23.68 9.97 9.18
N GLY C 150 -24.82 10.09 9.83
CA GLY C 150 -26.07 10.15 9.15
C GLY C 150 -27.20 10.35 10.08
N PHE C 151 -28.27 10.91 9.52
CA PHE C 151 -29.55 10.92 10.25
C PHE C 151 -30.72 10.65 9.34
N ASP C 152 -31.73 10.04 9.96
CA ASP C 152 -32.96 9.67 9.21
C ASP C 152 -33.71 10.95 8.84
N ARG C 153 -33.73 11.32 7.54
CA ARG C 153 -34.37 12.52 7.14
C ARG C 153 -35.79 12.27 6.61
N ASP C 154 -36.14 11.01 6.51
CA ASP C 154 -37.50 10.64 6.04
C ASP C 154 -38.51 11.11 7.11
N GLY C 155 -39.56 11.76 6.65
CA GLY C 155 -40.64 12.19 7.52
C GLY C 155 -40.52 13.59 8.13
N MET C 156 -39.36 14.26 7.91
CA MET C 156 -39.11 15.57 8.43
C MET C 156 -39.81 16.72 7.63
N GLY C 157 -40.41 16.36 6.52
CA GLY C 157 -41.08 17.34 5.70
C GLY C 157 -40.28 17.88 4.54
N ASP C 158 -40.82 18.90 3.91
CA ASP C 158 -40.29 19.43 2.72
C ASP C 158 -39.02 20.26 2.91
N ALA C 159 -38.83 20.83 4.07
CA ALA C 159 -37.65 21.66 4.27
C ALA C 159 -37.33 21.66 5.73
N LEU C 160 -36.04 21.47 6.07
CA LEU C 160 -35.66 21.55 7.45
C LEU C 160 -35.42 23.03 7.84
N PRO C 161 -35.55 23.35 9.10
CA PRO C 161 -35.19 24.68 9.62
C PRO C 161 -33.74 24.98 9.37
N ALA C 162 -33.43 26.28 9.22
CA ALA C 162 -32.07 26.78 8.91
C ALA C 162 -31.01 26.34 9.92
N GLU C 163 -31.44 25.97 11.14
CA GLU C 163 -30.51 25.50 12.18
C GLU C 163 -29.78 24.22 11.81
N TYR C 164 -30.32 23.47 10.85
CA TYR C 164 -29.79 22.20 10.41
C TYR C 164 -28.88 22.36 9.17
N ASP C 165 -28.59 23.62 8.77
CA ASP C 165 -27.93 23.84 7.47
C ASP C 165 -26.40 23.74 7.53
N GLN C 166 -25.91 22.59 7.92
CA GLN C 166 -24.49 22.23 7.88
C GLN C 166 -24.32 21.07 6.94
N SER C 167 -23.42 21.19 5.98
CA SER C 167 -23.22 20.24 4.92
C SER C 167 -22.77 18.88 5.39
N GLN C 168 -22.01 18.88 6.49
CA GLN C 168 -21.38 17.62 6.93
C GLN C 168 -22.30 16.83 7.90
N LEU C 169 -23.51 17.37 8.13
CA LEU C 169 -24.54 16.63 8.94
C LEU C 169 -25.36 15.86 7.87
N TYR C 170 -25.04 14.59 7.66
CA TYR C 170 -25.50 13.91 6.49
C TYR C 170 -26.96 13.50 6.61
N ARG C 171 -27.77 14.07 5.74
CA ARG C 171 -29.13 13.75 5.65
C ARG C 171 -29.34 12.52 4.75
N VAL C 172 -29.94 11.48 5.29
CA VAL C 172 -30.07 10.22 4.55
C VAL C 172 -31.57 9.83 4.47
N MET C 173 -31.99 9.47 3.26
CA MET C 173 -33.40 9.06 3.04
C MET C 173 -33.43 7.68 2.48
N ASP C 174 -34.27 6.85 3.05
CA ASP C 174 -34.53 5.53 2.51
C ASP C 174 -36.00 5.31 2.29
N GLY C 175 -36.75 6.40 2.37
CA GLY C 175 -38.22 6.43 2.31
C GLY C 175 -38.92 5.87 3.52
N VAL C 176 -38.19 5.56 4.61
CA VAL C 176 -38.77 5.00 5.81
C VAL C 176 -38.42 5.86 7.04
N PRO C 177 -39.40 6.62 7.55
CA PRO C 177 -39.18 7.31 8.83
C PRO C 177 -38.85 6.33 9.93
N GLY C 178 -37.91 6.70 10.78
CA GLY C 178 -37.51 5.89 11.90
C GLY C 178 -36.40 4.88 11.64
N LYS C 179 -35.99 4.72 10.39
CA LYS C 179 -34.93 3.83 10.02
C LYS C 179 -33.77 4.61 9.33
N LEU C 180 -32.54 4.19 9.68
CA LEU C 180 -31.31 4.79 9.11
C LEU C 180 -30.31 3.69 8.94
N ALA C 181 -29.56 3.72 7.85
CA ALA C 181 -28.41 2.85 7.72
C ALA C 181 -27.24 3.73 7.28
N ILE C 182 -26.08 3.41 7.79
CA ILE C 182 -24.80 3.98 7.33
C ILE C 182 -23.87 2.87 7.00
N THR C 183 -22.88 3.18 6.15
CA THR C 183 -21.86 2.24 5.82
C THR C 183 -20.51 2.95 5.81
N PHE C 184 -19.48 2.12 5.85
CA PHE C 184 -18.13 2.59 5.76
C PHE C 184 -17.19 1.40 5.66
N THR C 185 -16.03 1.67 5.10
CA THR C 185 -14.97 0.65 5.11
C THR C 185 -13.93 1.13 6.08
N PRO C 186 -13.66 0.39 7.14
CA PRO C 186 -12.70 0.82 8.13
C PRO C 186 -11.34 1.12 7.43
N PRO C 187 -10.78 2.32 7.62
CA PRO C 187 -9.51 2.65 6.94
C PRO C 187 -8.34 2.04 7.68
N GLU C 188 -8.54 1.68 8.93
CA GLU C 188 -7.48 1.18 9.83
C GLU C 188 -8.05 0.10 10.74
N ASN C 189 -7.17 -0.81 11.11
CA ASN C 189 -7.56 -1.80 12.07
C ASN C 189 -7.66 -1.21 13.42
N GLY C 190 -8.72 -1.52 14.17
CA GLY C 190 -8.84 -1.09 15.52
C GLY C 190 -10.25 -0.73 15.93
N TRP C 191 -10.33 0.02 17.03
CA TRP C 191 -11.64 0.40 17.59
C TRP C 191 -12.32 1.53 16.94
N TYR C 192 -13.60 1.33 16.69
CA TYR C 192 -14.51 2.34 16.12
C TYR C 192 -15.49 2.69 17.24
N GLN C 193 -15.55 3.96 17.58
CA GLN C 193 -16.37 4.52 18.61
C GLN C 193 -17.46 5.34 17.95
N PHE C 194 -18.72 4.99 18.20
CA PHE C 194 -19.82 5.68 17.61
C PHE C 194 -20.86 6.13 18.60
N VAL C 195 -21.56 7.20 18.27
CA VAL C 195 -22.59 7.77 19.07
C VAL C 195 -23.86 7.69 18.32
N VAL C 196 -24.86 7.22 19.04
CA VAL C 196 -26.24 7.07 18.50
C VAL C 196 -27.08 8.09 19.28
N GLY C 197 -27.89 8.85 18.55
CA GLY C 197 -28.78 9.85 19.12
C GLY C 197 -30.01 10.05 18.26
N ALA C 198 -30.62 11.19 18.41
CA ALA C 198 -31.75 11.59 17.54
C ALA C 198 -31.77 13.04 17.35
N ILE C 199 -32.56 13.50 16.37
CA ILE C 199 -32.51 14.85 15.90
C ILE C 199 -33.86 15.27 15.38
N ASN C 200 -34.18 16.56 15.57
CA ASN C 200 -35.35 17.15 14.90
C ASN C 200 -36.62 16.32 14.92
N PRO C 201 -37.12 15.99 16.14
CA PRO C 201 -38.34 15.21 16.18
C PRO C 201 -39.55 15.93 15.53
N ASP C 202 -40.44 15.15 14.91
CA ASP C 202 -41.61 15.75 14.21
C ASP C 202 -42.46 16.57 15.19
N ILE C 203 -42.76 17.80 14.77
CA ILE C 203 -43.53 18.72 15.60
C ILE C 203 -44.80 18.00 16.03
N ASP C 204 -45.07 18.09 17.31
CA ASP C 204 -46.28 17.56 17.94
C ASP C 204 -46.31 16.08 18.09
N SER C 205 -45.21 15.40 17.81
CA SER C 205 -45.20 13.96 17.95
C SER C 205 -44.85 13.53 19.35
N THR C 206 -44.95 12.26 19.61
CA THR C 206 -44.46 11.72 20.84
C THR C 206 -42.97 12.02 21.12
N ALA C 207 -42.15 11.83 20.11
CA ALA C 207 -40.73 12.08 20.31
C ALA C 207 -40.50 13.55 20.63
N TYR C 208 -41.30 14.43 20.00
CA TYR C 208 -41.14 15.81 20.24
C TYR C 208 -41.43 16.20 21.69
N GLY C 209 -42.49 15.62 22.28
CA GLY C 209 -42.82 15.85 23.68
C GLY C 209 -43.07 17.31 23.91
N SER C 210 -42.36 17.91 24.89
CA SER C 210 -42.47 19.34 25.20
C SER C 210 -41.58 20.25 24.35
N GLY C 211 -40.92 19.68 23.36
CA GLY C 211 -40.14 20.42 22.47
C GLY C 211 -38.71 20.71 22.96
N PRO C 212 -38.05 21.58 22.28
CA PRO C 212 -36.60 21.75 22.53
C PRO C 212 -36.25 22.37 23.89
N GLY C 213 -37.14 23.18 24.49
CA GLY C 213 -36.80 23.90 25.72
C GLY C 213 -35.62 24.83 25.41
N SER C 214 -34.62 24.83 26.29
CA SER C 214 -33.43 25.67 26.11
C SER C 214 -32.43 25.05 25.16
N GLY C 215 -32.80 23.88 24.57
CA GLY C 215 -31.94 23.28 23.53
C GLY C 215 -31.83 21.77 23.57
N ALA C 216 -31.93 21.16 24.77
CA ALA C 216 -31.65 19.74 24.91
C ALA C 216 -32.88 18.87 24.85
N GLY C 217 -34.06 19.51 24.79
CA GLY C 217 -35.33 18.77 24.65
C GLY C 217 -35.74 18.04 25.90
N PRO C 218 -36.77 17.21 25.80
CA PRO C 218 -37.28 16.43 26.95
C PRO C 218 -36.27 15.46 27.48
N ALA C 219 -36.48 15.01 28.72
CA ALA C 219 -35.59 14.06 29.37
C ALA C 219 -35.85 12.66 28.95
N THR C 220 -36.94 12.45 28.24
CA THR C 220 -37.43 11.13 27.91
C THR C 220 -36.41 10.30 27.13
N ALA C 221 -36.20 9.05 27.58
CA ALA C 221 -35.31 8.07 26.88
C ALA C 221 -36.11 7.26 25.88
N HIS C 222 -35.69 7.26 24.64
CA HIS C 222 -36.39 6.52 23.57
C HIS C 222 -35.49 5.43 23.03
N THR C 223 -36.09 4.26 22.77
CA THR C 223 -35.35 3.13 22.26
C THR C 223 -35.06 3.25 20.75
N VAL C 224 -33.76 3.05 20.43
CA VAL C 224 -33.32 2.88 19.06
C VAL C 224 -32.58 1.54 19.01
N HIS C 225 -33.04 0.65 18.13
CA HIS C 225 -32.41 -0.62 17.98
C HIS C 225 -31.24 -0.49 16.97
N VAL C 226 -30.10 -1.07 17.33
CA VAL C 226 -28.88 -0.98 16.53
C VAL C 226 -28.39 -2.37 16.11
N GLU C 227 -28.14 -2.51 14.83
CA GLU C 227 -27.59 -3.73 14.27
C GLU C 227 -26.30 -3.39 13.53
N VAL C 228 -25.24 -4.05 13.94
CA VAL C 228 -23.90 -3.87 13.32
C VAL C 228 -23.57 -5.09 12.51
N SER C 229 -23.36 -4.90 11.21
CA SER C 229 -23.07 -6.03 10.31
C SER C 229 -21.54 -6.06 10.16
N ILE C 230 -20.87 -6.99 10.86
CA ILE C 230 -19.43 -7.13 10.86
C ILE C 230 -19.06 -8.20 9.88
N PRO C 231 -18.24 -7.90 8.87
CA PRO C 231 -17.92 -8.93 7.86
C PRO C 231 -16.94 -9.96 8.36
N ALA D 28 8.90 -41.15 -9.82
CA ALA D 28 9.39 -40.31 -10.93
C ALA D 28 8.57 -40.38 -12.22
N THR D 29 8.84 -39.44 -13.10
CA THR D 29 8.16 -39.30 -14.43
C THR D 29 9.12 -38.85 -15.50
N ALA D 30 9.10 -39.51 -16.65
CA ALA D 30 9.92 -39.14 -17.74
C ALA D 30 9.58 -37.77 -18.28
N ILE D 31 10.63 -37.05 -18.71
CA ILE D 31 10.49 -35.80 -19.41
C ILE D 31 11.32 -35.79 -20.70
N SER D 32 10.93 -34.97 -21.63
CA SER D 32 11.69 -34.78 -22.84
C SER D 32 12.75 -33.69 -22.55
N GLY D 33 14.01 -33.98 -22.79
CA GLY D 33 15.08 -33.04 -22.41
C GLY D 33 15.75 -32.50 -23.64
N THR D 34 16.19 -31.24 -23.62
CA THR D 34 17.09 -30.68 -24.62
C THR D 34 18.48 -30.57 -24.02
N PHE D 35 19.48 -31.11 -24.69
CA PHE D 35 20.83 -31.22 -24.15
C PHE D 35 21.67 -30.17 -24.82
N PHE D 36 22.50 -29.48 -24.06
CA PHE D 36 23.38 -28.40 -24.57
C PHE D 36 24.80 -28.80 -24.27
N ASP D 37 25.73 -28.27 -25.07
CA ASP D 37 27.13 -28.41 -24.84
C ASP D 37 27.84 -27.30 -25.62
N LYS D 38 29.16 -27.28 -25.53
CA LYS D 38 29.89 -26.17 -26.15
C LYS D 38 29.67 -26.05 -27.66
N ASN D 39 29.28 -27.14 -28.33
CA ASN D 39 28.93 -27.09 -29.73
C ASN D 39 27.47 -26.97 -30.04
N ASN D 40 26.64 -26.86 -29.01
CA ASN D 40 25.21 -26.90 -29.16
C ASN D 40 24.69 -25.98 -28.02
N THR D 41 24.78 -24.69 -28.26
CA THR D 41 24.63 -23.72 -27.11
C THR D 41 23.27 -23.09 -27.11
N SER D 42 22.44 -23.42 -28.09
CA SER D 42 21.14 -22.78 -28.24
C SER D 42 20.05 -23.68 -28.67
N ALA D 43 18.84 -23.32 -28.33
CA ALA D 43 17.70 -24.14 -28.67
C ALA D 43 16.44 -23.33 -28.63
N ASP D 44 15.40 -23.79 -29.34
CA ASP D 44 14.11 -23.22 -29.17
C ASP D 44 13.28 -24.19 -28.34
N MET D 45 12.76 -23.70 -27.24
CA MET D 45 11.90 -24.46 -26.39
C MET D 45 10.50 -23.94 -26.57
N THR D 46 9.49 -24.75 -26.27
CA THR D 46 8.12 -24.33 -26.35
C THR D 46 7.52 -24.55 -24.99
N VAL D 47 6.86 -23.54 -24.46
CA VAL D 47 6.24 -23.61 -23.11
C VAL D 47 4.86 -22.99 -23.10
N ARG D 48 4.03 -23.37 -22.13
CA ARG D 48 2.74 -22.70 -21.98
C ARG D 48 2.91 -21.43 -21.18
N ALA D 49 1.98 -20.55 -21.32
CA ALA D 49 2.11 -19.16 -20.77
C ALA D 49 2.07 -19.18 -19.23
N TYR D 50 1.49 -20.19 -18.58
CA TYR D 50 1.40 -20.30 -17.12
C TYR D 50 2.27 -21.43 -16.59
N SER D 51 3.07 -22.08 -17.44
CA SER D 51 3.73 -23.33 -17.15
C SER D 51 4.58 -23.38 -15.91
N TRP D 52 5.19 -22.25 -15.58
CA TRP D 52 6.13 -22.22 -14.41
C TRP D 52 5.39 -21.79 -13.10
N TYR D 53 4.14 -21.38 -13.22
CA TYR D 53 3.38 -20.88 -12.06
C TYR D 53 1.85 -21.01 -12.31
N ASN D 54 1.33 -22.19 -12.08
CA ASN D 54 -0.10 -22.41 -12.14
C ASN D 54 -0.80 -21.75 -10.96
N LEU D 55 -2.03 -21.33 -11.16
CA LEU D 55 -2.77 -20.56 -10.11
C LEU D 55 -3.66 -21.35 -9.14
N SER D 56 -3.48 -22.62 -9.10
CA SER D 56 -4.25 -23.56 -8.35
C SER D 56 -3.36 -24.03 -7.19
N MET D 57 -3.98 -24.65 -6.20
CA MET D 57 -3.24 -25.29 -5.12
C MET D 57 -2.16 -24.46 -4.54
N GLY D 58 -0.99 -25.07 -4.57
CA GLY D 58 0.20 -24.45 -4.01
C GLY D 58 1.06 -23.72 -5.04
N TYR D 59 0.43 -23.26 -6.13
CA TYR D 59 1.09 -22.36 -7.08
C TYR D 59 2.32 -22.95 -7.68
N LEU D 60 2.15 -24.18 -8.19
CA LEU D 60 3.29 -24.95 -8.67
C LEU D 60 3.44 -24.84 -10.20
N GLY D 61 4.64 -25.14 -10.68
CA GLY D 61 4.94 -25.30 -12.10
C GLY D 61 4.46 -26.67 -12.50
N THR D 63 5.40 -29.73 -14.79
CA THR D 63 6.52 -30.38 -15.36
C THR D 63 6.46 -30.56 -16.87
N HIS D 64 5.33 -30.99 -17.33
CA HIS D 64 5.18 -31.28 -18.77
C HIS D 64 4.68 -30.16 -19.62
N HIS D 65 4.20 -29.06 -19.04
CA HIS D 65 3.83 -27.83 -19.75
C HIS D 65 5.05 -26.91 -19.99
N SER D 66 6.07 -27.18 -19.14
CA SER D 66 7.36 -26.54 -19.19
C SER D 66 8.30 -27.32 -20.14
N ASN D 67 9.53 -26.87 -20.32
CA ASN D 67 10.49 -27.60 -21.10
C ASN D 67 11.78 -27.70 -20.34
N TRP D 68 12.46 -28.82 -20.47
CA TRP D 68 13.61 -29.16 -19.68
C TRP D 68 14.91 -29.14 -20.48
N GLY D 69 15.97 -28.56 -19.88
CA GLY D 69 17.30 -28.45 -20.46
C GLY D 69 18.33 -29.10 -19.58
N PHE D 70 19.39 -29.63 -20.19
CA PHE D 70 20.43 -30.31 -19.45
C PHE D 70 21.76 -29.86 -20.05
N VAL D 71 22.73 -29.58 -19.16
CA VAL D 71 24.07 -29.20 -19.56
C VAL D 71 25.11 -29.56 -18.48
N LYS D 72 26.27 -30.08 -18.95
CA LYS D 72 27.28 -30.54 -18.09
C LYS D 72 28.30 -29.41 -17.95
N LEU D 73 28.57 -29.01 -16.70
CA LEU D 73 29.37 -27.83 -16.42
C LEU D 73 30.46 -28.13 -15.42
N LYS D 74 31.44 -27.25 -15.48
CA LYS D 74 32.63 -27.30 -14.64
C LYS D 74 32.54 -26.31 -13.51
N LYS D 75 32.94 -26.74 -12.36
CA LYS D 75 32.99 -25.91 -11.16
C LYS D 75 33.80 -24.65 -11.44
N GLY D 76 33.26 -23.54 -10.94
CA GLY D 76 34.02 -22.33 -10.62
C GLY D 76 34.12 -21.29 -11.69
N LYS D 77 33.55 -21.56 -12.84
CA LYS D 77 33.50 -20.59 -13.97
C LYS D 77 32.00 -20.16 -14.19
N PRO D 78 31.67 -18.86 -14.12
CA PRO D 78 30.30 -18.42 -14.29
C PRO D 78 29.67 -18.74 -15.63
N VAL D 79 28.37 -19.10 -15.60
CA VAL D 79 27.52 -19.45 -16.72
C VAL D 79 26.35 -18.47 -16.74
N THR D 80 25.98 -18.10 -17.94
CA THR D 80 24.81 -17.30 -18.20
C THR D 80 23.84 -18.19 -19.02
N ILE D 81 22.57 -18.12 -18.65
CA ILE D 81 21.52 -18.62 -19.52
C ILE D 81 20.58 -17.49 -19.85
N ALA D 82 20.31 -17.33 -21.14
CA ALA D 82 19.50 -16.25 -21.60
C ALA D 82 18.30 -16.78 -22.32
N LEU D 83 17.15 -16.22 -22.00
CA LEU D 83 15.86 -16.56 -22.62
C LEU D 83 15.29 -15.39 -23.33
N THR D 84 14.77 -15.58 -24.55
CA THR D 84 14.11 -14.52 -25.24
C THR D 84 12.90 -15.11 -25.94
N THR D 85 11.90 -14.29 -26.10
CA THR D 85 10.69 -14.63 -26.79
C THR D 85 10.17 -13.48 -27.58
N GLU D 86 9.48 -13.83 -28.67
CA GLU D 86 8.87 -12.85 -29.54
C GLU D 86 7.38 -12.73 -29.25
N VAL D 87 6.85 -13.54 -28.32
CA VAL D 87 5.41 -13.55 -28.07
C VAL D 87 4.92 -12.42 -27.13
N SER D 88 4.07 -11.54 -27.64
CA SER D 88 3.55 -10.43 -26.87
C SER D 88 2.88 -10.92 -25.58
N GLY D 89 3.31 -10.36 -24.42
CA GLY D 89 2.74 -10.67 -23.15
C GLY D 89 3.35 -11.82 -22.41
N LEU D 90 4.16 -12.61 -23.08
CA LEU D 90 4.82 -13.74 -22.47
C LEU D 90 6.01 -13.34 -21.62
N HIS D 91 6.09 -13.95 -20.45
CA HIS D 91 7.26 -13.71 -19.51
C HIS D 91 7.98 -14.98 -19.22
N PRO D 92 9.10 -15.18 -19.89
CA PRO D 92 9.89 -16.41 -19.66
C PRO D 92 10.48 -16.54 -18.25
N SER D 93 10.67 -17.75 -17.85
CA SER D 93 11.18 -18.03 -16.53
C SER D 93 12.01 -19.23 -16.54
N ILE D 94 12.84 -19.40 -15.52
CA ILE D 94 13.74 -20.53 -15.42
C ILE D 94 14.03 -20.89 -13.99
N THR D 95 14.17 -22.19 -13.76
CA THR D 95 14.80 -22.71 -12.50
C THR D 95 15.97 -23.60 -12.86
N VAL D 96 17.11 -23.44 -12.15
CA VAL D 96 18.31 -24.26 -12.37
C VAL D 96 18.64 -25.08 -11.15
N TRP D 97 18.75 -26.39 -11.32
CA TRP D 97 19.25 -27.23 -10.27
C TRP D 97 20.56 -27.98 -10.69
N TYR D 98 21.36 -28.38 -9.69
CA TYR D 98 22.42 -29.30 -9.92
C TYR D 98 21.89 -30.70 -9.72
N ARG D 99 22.09 -31.60 -10.68
CA ARG D 99 21.59 -32.96 -10.57
C ARG D 99 22.73 -33.83 -10.01
N ALA D 100 22.77 -34.00 -8.71
CA ALA D 100 23.94 -34.59 -8.08
C ALA D 100 23.94 -36.08 -8.30
N GLY D 101 25.12 -36.55 -8.62
CA GLY D 101 25.39 -37.96 -8.67
C GLY D 101 25.00 -38.60 -9.97
N ALA D 102 24.57 -37.84 -10.95
CA ALA D 102 24.06 -38.46 -12.16
C ALA D 102 25.23 -38.37 -13.08
N LYS D 103 25.63 -39.52 -13.61
CA LYS D 103 26.63 -39.61 -14.66
C LYS D 103 26.06 -40.26 -15.88
N ASN D 104 25.28 -41.33 -15.69
CA ASN D 104 24.62 -42.02 -16.81
C ASN D 104 23.57 -41.10 -17.47
N PRO D 105 23.89 -40.55 -18.65
CA PRO D 105 22.91 -39.67 -19.30
C PRO D 105 21.54 -40.32 -19.51
N LYS D 106 21.48 -41.64 -19.54
CA LYS D 106 20.21 -42.37 -19.59
C LYS D 106 19.23 -42.07 -18.44
N THR D 107 19.77 -41.85 -17.23
CA THR D 107 18.96 -41.54 -16.06
C THR D 107 18.63 -40.04 -15.96
N LEU D 108 19.18 -39.17 -16.79
CA LEU D 108 18.90 -37.76 -16.65
C LEU D 108 17.47 -37.30 -16.88
N PRO D 109 16.82 -37.72 -18.00
CA PRO D 109 15.53 -37.08 -18.29
C PRO D 109 14.35 -37.64 -17.54
N TYR D 110 14.37 -37.40 -16.23
CA TYR D 110 13.30 -37.76 -15.30
C TYR D 110 13.14 -36.56 -14.33
N MET D 111 11.93 -36.38 -13.87
CA MET D 111 11.62 -35.45 -12.78
C MET D 111 10.90 -36.27 -11.71
N ASN D 112 10.81 -35.71 -10.51
CA ASN D 112 10.21 -36.46 -9.40
C ASN D 112 8.71 -36.49 -9.40
N GLY D 113 8.11 -35.68 -10.23
CA GLY D 113 6.64 -35.68 -10.32
C GLY D 113 6.19 -34.67 -11.37
N HIS D 114 4.88 -34.54 -11.50
CA HIS D 114 4.24 -33.72 -12.52
C HIS D 114 4.18 -32.24 -12.22
N ALA D 115 4.51 -31.92 -10.95
CA ALA D 115 4.52 -30.51 -10.50
C ALA D 115 5.84 -30.21 -9.88
N TYR D 116 6.24 -28.93 -9.82
CA TYR D 116 7.49 -28.54 -9.17
C TYR D 116 7.35 -27.17 -8.49
N LYS D 117 8.01 -27.06 -7.33
CA LYS D 117 8.17 -25.75 -6.74
C LYS D 117 9.31 -25.12 -7.51
N GLN D 118 9.23 -23.81 -7.65
CA GLN D 118 10.14 -23.03 -8.49
C GLN D 118 11.52 -22.78 -7.85
N PHE D 119 11.54 -23.00 -6.52
CA PHE D 119 12.74 -22.93 -5.72
C PHE D 119 12.75 -24.11 -4.76
N GLY D 120 13.86 -24.27 -4.08
CA GLY D 120 14.06 -25.37 -3.16
C GLY D 120 14.54 -26.65 -3.86
N ASP D 121 15.05 -27.56 -3.04
CA ASP D 121 15.68 -28.79 -3.50
C ASP D 121 14.66 -29.92 -3.63
N ILE D 122 15.05 -30.92 -4.42
CA ILE D 122 14.25 -32.07 -4.70
C ILE D 122 15.06 -33.31 -4.34
N TYR D 123 14.43 -34.24 -3.62
CA TYR D 123 15.12 -35.50 -3.33
C TYR D 123 14.10 -36.64 -3.48
N GLU D 124 14.34 -37.58 -4.41
CA GLU D 124 13.55 -38.83 -4.55
C GLU D 124 14.51 -40.01 -4.51
N PRO D 125 14.71 -40.62 -3.34
CA PRO D 125 15.71 -41.72 -3.31
C PRO D 125 15.17 -42.92 -4.07
N ASN D 126 16.03 -43.64 -4.78
CA ASN D 126 15.67 -44.96 -5.36
C ASN D 126 14.45 -44.81 -6.23
N ALA D 127 14.50 -43.78 -7.07
CA ALA D 127 13.37 -43.40 -7.89
C ALA D 127 13.09 -44.39 -9.00
N GLU D 128 11.81 -44.53 -9.33
CA GLU D 128 11.35 -45.38 -10.42
C GLU D 128 10.36 -44.61 -11.27
N ALA D 129 10.43 -44.80 -12.59
CA ALA D 129 9.48 -44.24 -13.49
C ALA D 129 9.03 -45.34 -14.42
N THR D 130 8.44 -44.94 -15.56
CA THR D 130 8.39 -45.79 -16.78
C THR D 130 9.15 -45.18 -17.99
N VAL D 137 11.24 -48.67 -14.95
CA VAL D 137 12.66 -48.34 -15.02
C VAL D 137 13.15 -47.75 -13.66
N LYS D 138 14.35 -48.17 -13.23
CA LYS D 138 15.01 -47.64 -12.04
C LYS D 138 15.92 -46.55 -12.55
N VAL D 139 15.75 -45.33 -12.03
CA VAL D 139 16.49 -44.13 -12.50
C VAL D 139 17.53 -43.68 -11.49
N GLY D 140 17.55 -44.35 -10.36
CA GLY D 140 18.46 -44.00 -9.29
C GLY D 140 17.94 -42.88 -8.39
N ASN D 141 18.79 -42.43 -7.48
CA ASN D 141 18.41 -41.34 -6.59
C ASN D 141 18.28 -40.10 -7.43
N ILE D 142 17.18 -39.36 -7.29
CA ILE D 142 17.07 -38.04 -7.93
C ILE D 142 17.44 -37.02 -6.84
N ILE D 143 18.54 -36.32 -7.03
CA ILE D 143 18.99 -35.28 -6.07
C ILE D 143 19.20 -34.02 -6.86
N MET D 144 18.37 -32.99 -6.57
CA MET D 144 18.38 -31.76 -7.37
C MET D 144 18.58 -30.63 -6.35
N LYS D 145 19.79 -30.13 -6.36
CA LYS D 145 20.21 -29.00 -5.50
C LYS D 145 19.85 -27.70 -6.21
N PHE D 146 18.92 -26.94 -5.62
CA PHE D 146 18.61 -25.62 -6.20
C PHE D 146 19.84 -24.73 -6.32
N ILE D 147 19.99 -24.12 -7.47
CA ILE D 147 21.07 -23.17 -7.80
C ILE D 147 20.52 -21.75 -7.91
N THR D 148 19.59 -21.51 -8.85
CA THR D 148 19.04 -20.17 -8.98
C THR D 148 17.73 -20.21 -9.79
N ASN D 149 17.02 -19.10 -9.85
CA ASN D 149 15.91 -18.98 -10.74
C ASN D 149 15.72 -17.55 -11.13
N GLY D 150 14.77 -17.31 -12.02
CA GLY D 150 14.42 -16.00 -12.39
C GLY D 150 13.23 -15.94 -13.33
N PHE D 151 12.48 -14.84 -13.28
CA PHE D 151 11.47 -14.57 -14.31
C PHE D 151 11.49 -13.18 -14.79
N ASP D 152 11.14 -12.99 -16.07
CA ASP D 152 11.04 -11.66 -16.64
C ASP D 152 9.92 -10.89 -16.06
N ARG D 153 10.20 -9.86 -15.27
CA ARG D 153 9.21 -9.04 -14.65
C ARG D 153 8.92 -7.75 -15.39
N ASP D 154 9.68 -7.48 -16.46
CA ASP D 154 9.41 -6.33 -17.29
C ASP D 154 8.07 -6.41 -18.02
N GLY D 155 7.29 -5.35 -17.97
CA GLY D 155 6.02 -5.30 -18.63
C GLY D 155 4.84 -5.82 -17.89
N MET D 156 5.06 -6.37 -16.71
CA MET D 156 3.96 -6.83 -15.88
C MET D 156 3.21 -5.74 -15.15
N GLY D 157 3.63 -4.51 -15.25
CA GLY D 157 2.88 -3.42 -14.66
C GLY D 157 3.36 -3.03 -13.28
N ASP D 158 2.57 -2.22 -12.60
CA ASP D 158 3.02 -1.68 -11.32
C ASP D 158 2.97 -2.60 -10.15
N ALA D 159 2.12 -3.63 -10.22
CA ALA D 159 2.01 -4.59 -9.13
C ALA D 159 1.57 -5.91 -9.66
N LEU D 160 2.19 -6.98 -9.21
CA LEU D 160 1.70 -8.31 -9.54
C LEU D 160 0.56 -8.69 -8.63
N PRO D 161 -0.29 -9.61 -9.08
CA PRO D 161 -1.31 -10.15 -8.19
C PRO D 161 -0.65 -10.73 -6.91
N ALA D 162 -1.41 -10.77 -5.82
CA ALA D 162 -0.88 -11.32 -4.58
C ALA D 162 -0.51 -12.78 -4.65
N GLU D 163 -1.07 -13.54 -5.62
CA GLU D 163 -0.70 -14.92 -5.74
C GLU D 163 0.78 -15.15 -6.04
N TYR D 164 1.47 -14.08 -6.51
CA TYR D 164 2.90 -14.15 -6.83
C TYR D 164 3.85 -13.68 -5.74
N ASP D 165 3.29 -13.49 -4.53
CA ASP D 165 4.08 -12.87 -3.48
C ASP D 165 4.89 -13.93 -2.67
N GLN D 166 5.81 -14.58 -3.36
CA GLN D 166 6.84 -15.42 -2.75
C GLN D 166 8.20 -14.88 -3.08
N SER D 167 9.01 -14.63 -2.04
CA SER D 167 10.27 -13.90 -2.21
C SER D 167 11.28 -14.63 -3.11
N GLN D 168 11.23 -15.97 -3.10
CA GLN D 168 12.23 -16.74 -3.82
C GLN D 168 11.81 -17.03 -5.28
N LEU D 169 10.74 -16.41 -5.71
CA LEU D 169 10.42 -16.38 -7.15
C LEU D 169 11.13 -15.14 -7.62
N TYR D 170 12.32 -15.30 -8.14
CA TYR D 170 13.19 -14.12 -8.38
C TYR D 170 12.72 -13.26 -9.55
N ARG D 171 12.21 -12.10 -9.21
CA ARG D 171 11.73 -11.09 -10.20
C ARG D 171 12.96 -10.41 -10.77
N VAL D 172 13.17 -10.46 -12.08
CA VAL D 172 14.36 -9.89 -12.68
C VAL D 172 13.92 -8.88 -13.74
N MET D 173 14.47 -7.68 -13.75
CA MET D 173 14.12 -6.65 -14.76
C MET D 173 15.38 -6.21 -15.47
N ASP D 174 15.30 -6.22 -16.79
CA ASP D 174 16.35 -5.71 -17.67
C ASP D 174 15.83 -4.69 -18.64
N GLY D 175 14.65 -4.15 -18.38
CA GLY D 175 13.97 -3.17 -19.18
C GLY D 175 13.39 -3.71 -20.46
N VAL D 176 13.45 -5.04 -20.68
CA VAL D 176 13.00 -5.61 -21.96
C VAL D 176 11.99 -6.75 -21.71
N PRO D 177 10.73 -6.49 -21.94
CA PRO D 177 9.77 -7.58 -21.80
C PRO D 177 10.08 -8.71 -22.75
N GLY D 178 9.95 -9.94 -22.27
CA GLY D 178 10.21 -11.09 -23.09
C GLY D 178 11.62 -11.58 -23.10
N LYS D 179 12.50 -10.89 -22.36
CA LYS D 179 13.88 -11.30 -22.18
C LYS D 179 14.22 -11.53 -20.70
N LEU D 180 14.99 -12.56 -20.48
CA LEU D 180 15.52 -12.85 -19.16
C LEU D 180 16.91 -13.39 -19.23
N ALA D 181 17.77 -13.02 -18.30
CA ALA D 181 19.03 -13.68 -18.15
C ALA D 181 19.26 -14.04 -16.69
N ILE D 182 19.87 -15.19 -16.48
CA ILE D 182 20.27 -15.64 -15.15
C ILE D 182 21.75 -16.01 -15.21
N THR D 183 22.38 -16.08 -14.02
CA THR D 183 23.76 -16.48 -13.90
C THR D 183 24.00 -17.25 -12.63
N PHE D 184 25.04 -18.03 -12.65
CA PHE D 184 25.40 -18.81 -11.54
C PHE D 184 26.83 -19.29 -11.85
N THR D 185 27.51 -19.64 -10.80
CA THR D 185 28.78 -20.35 -10.89
C THR D 185 28.53 -21.73 -10.35
N PRO D 186 28.71 -22.76 -11.21
CA PRO D 186 28.46 -24.11 -10.79
C PRO D 186 29.27 -24.43 -9.55
N PRO D 187 28.64 -24.89 -8.50
CA PRO D 187 29.44 -25.24 -7.27
C PRO D 187 30.09 -26.60 -7.38
N GLU D 188 29.63 -27.45 -8.31
CA GLU D 188 30.14 -28.83 -8.46
C GLU D 188 30.22 -29.20 -9.89
N ASN D 189 31.17 -30.06 -10.24
CA ASN D 189 31.21 -30.57 -11.59
C ASN D 189 30.05 -31.51 -11.84
N GLY D 190 29.46 -31.40 -13.02
CA GLY D 190 28.42 -32.30 -13.37
C GLY D 190 27.25 -31.71 -14.11
N TRP D 191 26.17 -32.46 -14.05
CA TRP D 191 25.02 -32.13 -14.84
C TRP D 191 24.10 -31.13 -14.12
N TYR D 192 23.71 -30.12 -14.87
CA TYR D 192 22.71 -29.10 -14.43
C TYR D 192 21.44 -29.32 -15.23
N GLN D 193 20.34 -29.40 -14.51
CA GLN D 193 19.01 -29.69 -15.00
C GLN D 193 18.22 -28.43 -14.74
N PHE D 194 17.71 -27.83 -15.80
CA PHE D 194 16.92 -26.61 -15.71
C PHE D 194 15.59 -26.72 -16.34
N VAL D 195 14.61 -26.00 -15.80
CA VAL D 195 13.32 -25.95 -16.43
C VAL D 195 13.04 -24.57 -16.93
N VAL D 196 12.46 -24.46 -18.14
CA VAL D 196 12.10 -23.18 -18.72
C VAL D 196 10.59 -23.20 -18.76
N GLY D 197 9.97 -22.12 -18.37
CA GLY D 197 8.53 -21.90 -18.44
C GLY D 197 8.18 -20.48 -18.67
N ALA D 198 6.93 -20.15 -18.38
CA ALA D 198 6.47 -18.77 -18.37
C ALA D 198 5.49 -18.55 -17.24
N ILE D 199 5.25 -17.28 -16.95
CA ILE D 199 4.50 -16.87 -15.74
C ILE D 199 3.75 -15.56 -15.98
N ASN D 200 2.54 -15.46 -15.41
CA ASN D 200 1.76 -14.24 -15.37
C ASN D 200 1.73 -13.46 -16.68
N PRO D 201 1.22 -14.13 -17.74
CA PRO D 201 1.12 -13.36 -18.98
C PRO D 201 0.23 -12.12 -18.88
N ASP D 202 0.57 -11.07 -19.59
CA ASP D 202 -0.11 -9.80 -19.54
C ASP D 202 -1.60 -10.01 -19.88
N ILE D 203 -2.47 -9.45 -19.03
CA ILE D 203 -3.91 -9.52 -19.25
C ILE D 203 -4.25 -9.05 -20.67
N ASP D 204 -5.02 -9.91 -21.34
CA ASP D 204 -5.53 -9.67 -22.69
C ASP D 204 -4.51 -9.67 -23.78
N SER D 205 -3.30 -10.15 -23.50
CA SER D 205 -2.27 -10.20 -24.51
C SER D 205 -2.42 -11.51 -25.30
N THR D 206 -1.57 -11.61 -26.31
CA THR D 206 -1.49 -12.84 -27.07
C THR D 206 -1.19 -14.06 -26.15
N ALA D 207 -0.20 -13.89 -25.24
CA ALA D 207 0.18 -14.95 -24.37
C ALA D 207 -0.92 -15.33 -23.39
N TYR D 208 -1.70 -14.37 -22.94
CA TYR D 208 -2.75 -14.62 -21.99
C TYR D 208 -3.81 -15.49 -22.60
N GLY D 209 -4.07 -15.18 -23.87
CA GLY D 209 -5.01 -16.04 -24.58
C GLY D 209 -6.41 -15.93 -23.93
N SER D 210 -7.00 -17.06 -23.61
CA SER D 210 -8.29 -17.10 -22.91
C SER D 210 -8.18 -16.97 -21.38
N GLY D 211 -6.97 -16.86 -20.88
CA GLY D 211 -6.82 -16.61 -19.43
C GLY D 211 -6.42 -17.88 -18.69
N PRO D 212 -6.41 -17.74 -17.34
CA PRO D 212 -5.90 -18.79 -16.50
C PRO D 212 -6.73 -20.05 -16.40
N GLY D 213 -8.02 -19.89 -16.64
CA GLY D 213 -8.95 -21.00 -16.53
C GLY D 213 -8.99 -21.46 -15.11
N SER D 214 -8.85 -22.75 -14.95
CA SER D 214 -8.84 -23.29 -13.62
C SER D 214 -7.46 -23.27 -12.97
N GLY D 215 -6.46 -22.74 -13.69
CA GLY D 215 -5.14 -22.55 -13.10
C GLY D 215 -3.94 -22.77 -13.99
N ALA D 216 -4.08 -23.59 -15.05
CA ALA D 216 -3.01 -23.94 -15.92
C ALA D 216 -2.92 -23.14 -17.20
N GLY D 217 -3.91 -22.29 -17.43
CA GLY D 217 -3.93 -21.45 -18.59
C GLY D 217 -4.12 -22.20 -19.89
N PRO D 218 -3.91 -21.49 -20.99
CA PRO D 218 -4.17 -22.10 -22.32
C PRO D 218 -3.19 -23.21 -22.63
N ALA D 219 -3.53 -24.10 -23.56
CA ALA D 219 -2.65 -25.16 -23.98
C ALA D 219 -1.56 -24.76 -24.98
N THR D 220 -1.64 -23.53 -25.45
CA THR D 220 -0.85 -23.04 -26.52
C THR D 220 0.63 -23.07 -26.18
N ALA D 221 1.47 -23.61 -27.06
CA ALA D 221 2.91 -23.75 -26.75
C ALA D 221 3.61 -22.56 -27.44
N HIS D 222 4.39 -21.79 -26.68
CA HIS D 222 5.02 -20.56 -27.16
C HIS D 222 6.53 -20.77 -27.19
N THR D 223 7.18 -20.31 -28.26
CA THR D 223 8.61 -20.45 -28.44
C THR D 223 9.40 -19.48 -27.53
N VAL D 224 10.28 -20.09 -26.77
CA VAL D 224 11.32 -19.37 -26.00
C VAL D 224 12.69 -19.79 -26.51
N HIS D 225 13.46 -18.83 -26.99
CA HIS D 225 14.79 -19.10 -27.42
C HIS D 225 15.75 -19.12 -26.23
N VAL D 226 16.60 -20.13 -26.17
CA VAL D 226 17.51 -20.43 -25.02
C VAL D 226 18.94 -20.37 -25.54
N GLU D 227 19.79 -19.56 -24.90
CA GLU D 227 21.23 -19.53 -25.18
C GLU D 227 22.00 -19.80 -23.85
N VAL D 228 22.82 -20.82 -23.82
CA VAL D 228 23.65 -21.15 -22.68
C VAL D 228 25.08 -20.79 -22.94
N SER D 229 25.63 -19.84 -22.19
CA SER D 229 26.99 -19.33 -22.38
C SER D 229 27.90 -20.15 -21.50
N ILE D 230 28.59 -21.15 -22.11
CA ILE D 230 29.38 -22.10 -21.42
C ILE D 230 30.83 -21.63 -21.49
N PRO D 231 31.49 -21.55 -20.34
CA PRO D 231 32.81 -20.94 -20.38
C PRO D 231 33.83 -21.92 -20.97
N ALA E 28 37.62 -4.52 -20.12
CA ALA E 28 37.60 -4.15 -18.64
C ALA E 28 37.96 -2.67 -18.53
N THR E 29 37.69 -2.06 -17.36
CA THR E 29 37.94 -0.66 -17.21
C THR E 29 38.43 -0.47 -15.82
N ALA E 30 39.46 0.35 -15.65
CA ALA E 30 40.00 0.64 -14.35
C ALA E 30 39.06 1.39 -13.46
N ILE E 31 39.20 1.14 -12.15
CA ILE E 31 38.39 1.81 -11.13
C ILE E 31 39.36 2.30 -9.99
N SER E 32 38.96 3.35 -9.31
CA SER E 32 39.72 3.79 -8.17
C SER E 32 39.20 3.14 -6.88
N GLY E 33 39.99 2.30 -6.27
CA GLY E 33 39.46 1.54 -5.15
C GLY E 33 39.94 2.10 -3.83
N THR E 34 39.15 1.92 -2.78
CA THR E 34 39.63 2.04 -1.42
C THR E 34 39.95 0.66 -0.81
N PHE E 35 41.14 0.51 -0.26
CA PHE E 35 41.58 -0.76 0.33
C PHE E 35 41.39 -0.68 1.84
N PHE E 36 40.89 -1.76 2.39
CA PHE E 36 40.64 -1.91 3.80
C PHE E 36 41.52 -3.00 4.31
N ASP E 37 41.94 -2.85 5.58
CA ASP E 37 42.56 -3.94 6.35
C ASP E 37 42.46 -3.63 7.83
N LYS E 38 43.06 -4.46 8.66
CA LYS E 38 42.81 -4.36 10.10
C LYS E 38 43.26 -3.02 10.70
N ASN E 39 44.12 -2.29 10.02
CA ASN E 39 44.56 -0.96 10.50
C ASN E 39 43.89 0.17 9.81
N ASN E 40 43.05 -0.18 8.84
CA ASN E 40 42.35 0.78 8.02
C ASN E 40 40.92 0.25 7.77
N THR E 41 40.07 0.31 8.79
CA THR E 41 38.81 -0.45 8.80
C THR E 41 37.66 0.46 8.33
N SER E 42 37.89 1.75 8.14
CA SER E 42 36.84 2.68 7.81
C SER E 42 37.30 3.64 6.74
N ALA E 43 36.36 4.21 6.03
CA ALA E 43 36.61 5.15 4.94
C ALA E 43 35.37 5.94 4.62
N ASP E 44 35.57 7.17 4.19
CA ASP E 44 34.52 7.90 3.57
C ASP E 44 34.53 7.73 2.09
N MET E 45 33.45 7.25 1.52
CA MET E 45 33.33 7.09 0.15
C MET E 45 32.37 8.14 -0.36
N THR E 46 32.47 8.52 -1.62
CA THR E 46 31.53 9.41 -2.18
C THR E 46 30.84 8.74 -3.34
N VAL E 47 29.54 8.96 -3.41
CA VAL E 47 28.70 8.33 -4.37
C VAL E 47 27.63 9.25 -4.90
N ARG E 48 27.12 9.02 -6.09
CA ARG E 48 25.94 9.74 -6.59
C ARG E 48 24.66 9.11 -6.06
N ALA E 49 23.62 9.91 -5.95
CA ALA E 49 22.35 9.50 -5.33
C ALA E 49 21.69 8.32 -5.96
N TYR E 50 21.84 8.19 -7.27
CA TYR E 50 21.29 7.08 -8.08
C TYR E 50 22.34 6.06 -8.52
N SER E 51 23.53 6.14 -7.97
CA SER E 51 24.69 5.41 -8.50
C SER E 51 24.54 3.89 -8.58
N TRP E 52 23.81 3.28 -7.64
CA TRP E 52 23.71 1.84 -7.58
C TRP E 52 22.52 1.37 -8.35
N TYR E 53 21.68 2.29 -8.84
CA TYR E 53 20.45 1.88 -9.51
C TYR E 53 19.92 3.02 -10.38
N ASN E 54 20.53 3.13 -11.57
CA ASN E 54 20.07 4.11 -12.55
C ASN E 54 18.66 3.71 -13.10
N LEU E 55 17.86 4.68 -13.41
CA LEU E 55 16.45 4.50 -13.92
C LEU E 55 16.43 4.73 -15.42
N SER E 56 17.10 3.84 -16.10
CA SER E 56 17.24 3.82 -17.54
C SER E 56 17.55 2.39 -17.83
N MET E 57 17.33 1.98 -19.09
CA MET E 57 17.76 0.65 -19.52
C MET E 57 17.30 -0.48 -18.62
N GLY E 58 18.31 -1.24 -18.24
CA GLY E 58 18.12 -2.37 -17.40
C GLY E 58 18.42 -2.13 -15.93
N TYR E 59 18.23 -0.87 -15.49
CA TYR E 59 18.30 -0.50 -14.08
C TYR E 59 19.60 -0.87 -13.40
N LEU E 60 20.71 -0.53 -14.07
CA LEU E 60 22.05 -0.98 -13.66
C LEU E 60 22.73 0.11 -12.81
N GLY E 61 23.66 -0.33 -11.99
CA GLY E 61 24.59 0.58 -11.28
C GLY E 61 25.58 1.14 -12.28
N THR E 63 29.38 2.13 -12.66
CA THR E 63 30.64 1.75 -12.09
C THR E 63 31.44 2.93 -11.55
N HIS E 64 31.44 4.02 -12.28
CA HIS E 64 32.26 5.16 -11.86
C HIS E 64 31.52 6.23 -11.08
N HIS E 65 30.21 6.17 -11.00
CA HIS E 65 29.43 7.03 -10.08
C HIS E 65 29.32 6.48 -8.71
N SER E 66 29.62 5.18 -8.61
CA SER E 66 29.73 4.45 -7.35
C SER E 66 31.15 4.48 -6.86
N ASN E 67 31.41 3.88 -5.71
CA ASN E 67 32.72 3.82 -5.15
C ASN E 67 33.05 2.36 -4.77
N TRP E 68 34.30 1.93 -5.02
CA TRP E 68 34.69 0.52 -4.89
C TRP E 68 35.61 0.31 -3.72
N GLY E 69 35.45 -0.81 -3.05
CA GLY E 69 36.25 -1.17 -1.95
C GLY E 69 36.79 -2.60 -2.15
N PHE E 70 37.92 -2.87 -1.48
CA PHE E 70 38.67 -4.11 -1.54
C PHE E 70 39.14 -4.48 -0.18
N VAL E 71 38.96 -5.74 0.17
CA VAL E 71 39.44 -6.25 1.44
C VAL E 71 39.75 -7.72 1.31
N LYS E 72 40.87 -8.10 1.89
CA LYS E 72 41.34 -9.46 1.86
C LYS E 72 40.89 -10.18 3.12
N LEU E 73 40.21 -11.29 2.92
CA LEU E 73 39.54 -11.99 4.03
C LEU E 73 39.85 -13.44 4.08
N LYS E 74 39.67 -14.01 5.25
CA LYS E 74 39.82 -15.43 5.49
C LYS E 74 38.52 -16.16 5.48
N LYS E 75 38.53 -17.39 4.96
CA LYS E 75 37.38 -18.27 4.87
C LYS E 75 36.85 -18.54 6.27
N GLY E 76 35.54 -18.58 6.39
CA GLY E 76 34.82 -19.18 7.51
C GLY E 76 34.47 -18.33 8.71
N LYS E 77 34.88 -17.11 8.70
CA LYS E 77 34.54 -16.23 9.81
C LYS E 77 33.73 -15.03 9.30
N PRO E 78 32.53 -14.81 9.90
CA PRO E 78 31.67 -13.74 9.36
C PRO E 78 32.25 -12.35 9.43
N VAL E 79 31.82 -11.58 8.44
CA VAL E 79 32.22 -10.22 8.24
C VAL E 79 30.97 -9.33 8.19
N THR E 80 31.06 -8.09 8.67
CA THR E 80 29.99 -7.13 8.60
C THR E 80 30.53 -5.92 7.86
N ILE E 81 29.76 -5.35 6.96
CA ILE E 81 30.06 -4.05 6.41
C ILE E 81 28.91 -3.11 6.71
N ALA E 82 29.25 -1.92 7.30
CA ALA E 82 28.22 -0.98 7.75
C ALA E 82 28.38 0.28 6.90
N LEU E 83 27.28 0.85 6.49
CA LEU E 83 27.25 2.07 5.69
C LEU E 83 26.34 3.07 6.44
N THR E 84 26.82 4.30 6.57
CA THR E 84 26.04 5.37 7.17
C THR E 84 26.22 6.64 6.35
N THR E 85 25.18 7.48 6.33
CA THR E 85 25.32 8.78 5.73
C THR E 85 24.46 9.77 6.51
N GLU E 86 24.86 11.03 6.46
CA GLU E 86 24.14 12.17 7.08
C GLU E 86 23.32 12.98 6.03
N VAL E 87 23.40 12.58 4.76
CA VAL E 87 22.73 13.27 3.68
C VAL E 87 21.24 12.96 3.72
N SER E 88 20.41 14.01 3.82
CA SER E 88 18.98 13.88 3.82
C SER E 88 18.45 13.31 2.53
N GLY E 89 17.73 12.21 2.67
CA GLY E 89 17.11 11.56 1.58
C GLY E 89 17.92 10.44 0.94
N LEU E 90 19.18 10.34 1.31
CA LEU E 90 20.10 9.38 0.69
C LEU E 90 19.94 8.01 1.33
N HIS E 91 19.96 6.96 0.47
CA HIS E 91 19.84 5.53 0.95
C HIS E 91 21.03 4.76 0.44
N PRO E 92 21.97 4.48 1.28
CA PRO E 92 23.18 3.77 0.85
C PRO E 92 22.87 2.31 0.50
N SER E 93 23.76 1.78 -0.29
CA SER E 93 23.63 0.44 -0.88
C SER E 93 24.98 -0.14 -1.17
N ILE E 94 25.04 -1.49 -1.29
CA ILE E 94 26.28 -2.17 -1.49
C ILE E 94 26.01 -3.52 -2.19
N THR E 95 26.96 -3.90 -3.00
CA THR E 95 27.08 -5.26 -3.54
C THR E 95 28.46 -5.76 -3.25
N VAL E 96 28.56 -7.02 -2.75
CA VAL E 96 29.85 -7.70 -2.48
C VAL E 96 30.00 -8.89 -3.44
N TRP E 97 31.18 -8.99 -4.05
CA TRP E 97 31.59 -10.13 -4.77
C TRP E 97 32.90 -10.65 -4.25
N TYR E 98 33.18 -11.95 -4.49
CA TYR E 98 34.50 -12.56 -4.33
C TYR E 98 35.22 -12.45 -5.68
N ARG E 99 36.41 -11.83 -5.65
CA ARG E 99 37.21 -11.74 -6.82
C ARG E 99 38.12 -12.95 -6.90
N ALA E 100 37.69 -13.95 -7.67
CA ALA E 100 38.39 -15.21 -7.63
C ALA E 100 39.68 -15.15 -8.40
N GLY E 101 40.72 -15.83 -7.91
CA GLY E 101 42.01 -15.85 -8.56
C GLY E 101 42.89 -14.64 -8.34
N ALA E 102 42.39 -13.56 -7.77
CA ALA E 102 43.21 -12.36 -7.68
C ALA E 102 43.91 -12.39 -6.35
N LYS E 103 45.20 -12.05 -6.37
CA LYS E 103 46.01 -12.00 -5.16
C LYS E 103 46.84 -10.73 -5.04
N ASN E 104 47.33 -10.28 -6.17
CA ASN E 104 48.19 -9.10 -6.30
C ASN E 104 47.24 -7.89 -6.34
N PRO E 105 47.39 -7.01 -5.33
CA PRO E 105 46.59 -5.78 -5.31
C PRO E 105 46.56 -4.98 -6.61
N LYS E 106 47.57 -5.08 -7.47
CA LYS E 106 47.64 -4.34 -8.72
C LYS E 106 46.62 -4.94 -9.74
N THR E 107 46.25 -6.21 -9.60
CA THR E 107 45.31 -6.80 -10.63
C THR E 107 43.81 -6.45 -10.25
N LEU E 108 43.64 -5.94 -9.04
CA LEU E 108 42.34 -5.75 -8.47
C LEU E 108 41.46 -4.61 -9.02
N PRO E 109 42.02 -3.40 -9.21
CA PRO E 109 41.14 -2.28 -9.43
C PRO E 109 40.70 -2.13 -10.85
N TYR E 110 39.91 -3.12 -11.29
CA TYR E 110 39.32 -3.18 -12.60
C TYR E 110 37.95 -3.77 -12.47
N MET E 111 37.06 -3.30 -13.34
CA MET E 111 35.74 -3.85 -13.50
C MET E 111 35.48 -4.28 -14.92
N ASN E 112 34.45 -5.13 -15.12
CA ASN E 112 34.24 -5.64 -16.45
C ASN E 112 33.56 -4.62 -17.39
N GLY E 113 33.15 -3.48 -16.92
CA GLY E 113 32.51 -2.45 -17.74
C GLY E 113 32.00 -1.30 -16.90
N HIS E 114 31.33 -0.38 -17.53
CA HIS E 114 30.84 0.85 -16.88
C HIS E 114 29.50 0.75 -16.20
N ALA E 115 28.85 -0.39 -16.39
CA ALA E 115 27.58 -0.70 -15.70
C ALA E 115 27.66 -2.04 -15.00
N TYR E 116 26.90 -2.19 -13.94
CA TYR E 116 26.87 -3.48 -13.23
C TYR E 116 25.45 -3.81 -12.81
N LYS E 117 25.15 -5.10 -12.90
CA LYS E 117 24.00 -5.62 -12.22
C LYS E 117 24.37 -5.77 -10.69
N GLN E 118 23.38 -5.49 -9.85
CA GLN E 118 23.60 -5.44 -8.39
C GLN E 118 23.65 -6.81 -7.70
N PHE E 119 23.38 -7.83 -8.50
CA PHE E 119 23.41 -9.22 -8.11
C PHE E 119 23.85 -10.02 -9.33
N GLY E 120 24.10 -11.30 -9.14
CA GLY E 120 24.65 -12.13 -10.17
C GLY E 120 26.14 -12.10 -10.29
N ASP E 121 26.67 -13.07 -11.02
CA ASP E 121 28.09 -13.22 -11.14
C ASP E 121 28.57 -12.55 -12.43
N ILE E 122 29.84 -12.19 -12.42
CA ILE E 122 30.51 -11.50 -13.54
C ILE E 122 31.65 -12.33 -14.04
N TYR E 123 31.79 -12.42 -15.37
CA TYR E 123 32.85 -13.18 -15.97
C TYR E 123 33.32 -12.46 -17.24
N GLU E 124 34.57 -12.03 -17.21
CA GLU E 124 35.24 -11.51 -18.39
C GLU E 124 36.51 -12.24 -18.58
N PRO E 125 36.48 -13.27 -19.46
CA PRO E 125 37.72 -14.05 -19.64
C PRO E 125 38.83 -13.23 -20.37
N ASN E 126 40.08 -13.39 -19.93
CA ASN E 126 41.27 -12.80 -20.60
C ASN E 126 41.00 -11.32 -20.77
N ALA E 127 40.53 -10.74 -19.70
CA ALA E 127 40.15 -9.32 -19.74
C ALA E 127 41.34 -8.39 -20.02
N GLU E 128 41.05 -7.38 -20.82
CA GLU E 128 42.05 -6.33 -21.16
C GLU E 128 41.48 -4.98 -20.76
N ALA E 129 42.36 -4.15 -20.24
CA ALA E 129 41.99 -2.80 -19.78
C ALA E 129 43.12 -1.84 -20.17
N THR E 130 43.07 -0.63 -19.63
CA THR E 130 44.12 0.43 -19.85
C THR E 130 44.63 0.73 -18.47
N ASP E 131 45.93 0.60 -18.28
CA ASP E 131 46.55 0.89 -16.99
C ASP E 131 46.72 2.37 -16.76
N ALA E 132 47.23 2.72 -15.61
CA ALA E 132 47.30 4.11 -15.15
C ALA E 132 48.32 4.91 -15.94
N GLU E 133 49.11 4.20 -16.72
CA GLU E 133 50.12 4.82 -17.61
C GLU E 133 49.65 4.92 -19.05
N ASN E 134 48.34 4.67 -19.26
CA ASN E 134 47.74 4.74 -20.60
C ASN E 134 48.04 3.51 -21.47
N ASN E 135 48.55 2.42 -20.93
CA ASN E 135 48.96 1.31 -21.71
C ASN E 135 47.98 0.12 -21.58
N PRO E 136 47.75 -0.61 -22.68
CA PRO E 136 46.90 -1.80 -22.58
C PRO E 136 47.52 -2.74 -21.61
N VAL E 137 46.64 -3.36 -20.80
CA VAL E 137 47.06 -4.28 -19.74
C VAL E 137 46.14 -5.52 -19.77
N LYS E 138 46.77 -6.69 -19.65
CA LYS E 138 46.06 -7.94 -19.41
C LYS E 138 45.85 -8.10 -17.95
N VAL E 139 44.60 -8.18 -17.54
CA VAL E 139 44.34 -8.29 -16.10
C VAL E 139 44.00 -9.70 -15.65
N GLY E 140 43.91 -10.61 -16.59
CA GLY E 140 43.51 -12.01 -16.26
C GLY E 140 42.04 -12.20 -16.44
N ASN E 141 41.56 -13.41 -16.13
CA ASN E 141 40.14 -13.59 -16.14
C ASN E 141 39.56 -12.78 -14.98
N ILE E 142 38.55 -12.05 -15.27
CA ILE E 142 37.79 -11.42 -14.14
C ILE E 142 36.62 -12.34 -13.83
N ILE E 143 36.63 -12.90 -12.61
CA ILE E 143 35.58 -13.76 -12.13
C ILE E 143 35.16 -13.17 -10.80
N MET E 144 33.94 -12.69 -10.78
CA MET E 144 33.37 -12.10 -9.55
C MET E 144 32.13 -12.89 -9.19
N LYS E 145 32.24 -13.61 -8.09
CA LYS E 145 31.16 -14.43 -7.57
C LYS E 145 30.34 -13.63 -6.53
N PHE E 146 29.05 -13.47 -6.81
CA PHE E 146 28.18 -12.68 -5.96
C PHE E 146 28.13 -13.30 -4.61
N ILE E 147 28.31 -12.47 -3.59
CA ILE E 147 28.19 -12.88 -2.21
C ILE E 147 26.95 -12.35 -1.54
N THR E 148 26.73 -11.02 -1.54
CA THR E 148 25.57 -10.47 -0.90
C THR E 148 25.35 -9.06 -1.41
N ASN E 149 24.22 -8.50 -1.08
CA ASN E 149 23.97 -7.07 -1.32
C ASN E 149 22.98 -6.56 -0.31
N GLY E 150 22.77 -5.23 -0.28
CA GLY E 150 21.71 -4.64 0.47
C GLY E 150 21.55 -3.18 0.15
N PHE E 151 20.39 -2.64 0.45
CA PHE E 151 20.13 -1.23 0.49
C PHE E 151 19.26 -0.86 1.61
N ASP E 152 19.51 0.36 2.08
CA ASP E 152 18.77 0.93 3.17
C ASP E 152 17.37 1.29 2.70
N ARG E 153 16.39 0.52 3.16
CA ARG E 153 15.00 0.75 2.76
C ARG E 153 14.24 1.56 3.75
N ASP E 154 14.82 1.83 4.92
CA ASP E 154 14.11 2.67 5.86
C ASP E 154 13.91 4.09 5.32
N GLY E 155 12.74 4.67 5.45
CA GLY E 155 12.55 6.07 5.06
C GLY E 155 12.01 6.17 3.64
N MET E 156 11.95 5.06 2.91
CA MET E 156 11.48 5.11 1.52
C MET E 156 9.96 5.11 1.36
N GLY E 157 9.26 5.00 2.47
CA GLY E 157 7.78 5.04 2.41
C GLY E 157 7.11 3.69 2.39
N ASP E 158 5.77 3.67 2.31
CA ASP E 158 5.06 2.42 2.40
C ASP E 158 5.20 1.49 1.23
N ALA E 159 5.60 2.01 0.10
CA ALA E 159 5.77 1.20 -1.09
C ALA E 159 6.79 1.86 -1.99
N LEU E 160 7.70 1.06 -2.55
CA LEU E 160 8.64 1.58 -3.48
C LEU E 160 8.04 1.62 -4.91
N PRO E 161 8.57 2.49 -5.76
CA PRO E 161 8.17 2.44 -7.16
C PRO E 161 8.39 1.05 -7.76
N ALA E 162 7.59 0.65 -8.73
CA ALA E 162 7.71 -0.67 -9.29
C ALA E 162 9.06 -0.94 -10.01
N GLU E 163 9.78 0.14 -10.37
CA GLU E 163 11.08 -0.04 -10.99
C GLU E 163 12.09 -0.77 -10.11
N TYR E 164 11.78 -0.82 -8.83
CA TYR E 164 12.64 -1.50 -7.84
C TYR E 164 12.22 -2.89 -7.47
N ASP E 165 11.35 -3.48 -8.25
CA ASP E 165 10.78 -4.75 -7.86
C ASP E 165 11.62 -5.91 -8.41
N GLN E 166 12.83 -6.06 -7.90
CA GLN E 166 13.69 -7.21 -8.12
C GLN E 166 13.98 -7.91 -6.83
N SER E 167 13.70 -9.19 -6.72
CA SER E 167 13.81 -9.93 -5.49
C SER E 167 15.22 -9.97 -4.95
N GLN E 168 16.20 -9.98 -5.84
CA GLN E 168 17.60 -10.14 -5.49
C GLN E 168 18.29 -8.82 -5.16
N LEU E 169 17.52 -7.76 -5.24
CA LEU E 169 17.95 -6.37 -4.82
C LEU E 169 17.47 -6.23 -3.38
N TYR E 170 18.34 -6.55 -2.45
CA TYR E 170 17.90 -6.77 -1.09
C TYR E 170 17.51 -5.55 -0.30
N ARG E 171 16.23 -5.40 -0.04
CA ARG E 171 15.75 -4.31 0.82
C ARG E 171 15.98 -4.68 2.27
N VAL E 172 16.73 -3.88 2.99
CA VAL E 172 17.03 -4.15 4.41
C VAL E 172 16.48 -3.03 5.28
N MET E 173 15.79 -3.35 6.39
CA MET E 173 15.29 -2.35 7.34
C MET E 173 15.92 -2.60 8.66
N ASP E 174 16.48 -1.57 9.22
CA ASP E 174 16.97 -1.66 10.65
C ASP E 174 16.24 -0.60 11.49
N GLY E 175 15.27 0.04 10.88
CA GLY E 175 14.57 1.15 11.53
C GLY E 175 15.20 2.49 11.43
N VAL E 176 16.32 2.59 10.69
CA VAL E 176 17.13 3.80 10.69
C VAL E 176 17.44 4.27 9.28
N PRO E 177 16.75 5.31 8.84
CA PRO E 177 17.09 5.81 7.50
C PRO E 177 18.53 6.30 7.44
N GLY E 178 19.23 6.05 6.29
CA GLY E 178 20.61 6.41 6.08
C GLY E 178 21.63 5.46 6.67
N LYS E 179 21.17 4.32 7.18
CA LYS E 179 22.12 3.35 7.78
C LYS E 179 21.81 1.96 7.21
N LEU E 180 22.84 1.18 6.97
CA LEU E 180 22.71 -0.15 6.42
C LEU E 180 23.80 -1.04 7.00
N ALA E 181 23.55 -2.31 7.17
CA ALA E 181 24.59 -3.25 7.45
C ALA E 181 24.29 -4.51 6.61
N ILE E 182 25.34 -5.08 6.11
CA ILE E 182 25.28 -6.37 5.42
C ILE E 182 26.25 -7.30 6.14
N THR E 183 26.03 -8.61 5.98
CA THR E 183 26.92 -9.60 6.54
C THR E 183 27.11 -10.77 5.52
N PHE E 184 28.23 -11.46 5.70
CA PHE E 184 28.56 -12.62 4.89
C PHE E 184 29.70 -13.36 5.61
N THR E 185 29.84 -14.63 5.22
CA THR E 185 30.96 -15.44 5.62
C THR E 185 31.75 -15.83 4.40
N PRO E 186 32.96 -15.30 4.26
CA PRO E 186 33.75 -15.59 3.06
C PRO E 186 33.85 -17.09 2.77
N PRO E 187 33.42 -17.53 1.60
CA PRO E 187 33.53 -18.95 1.32
C PRO E 187 34.92 -19.37 0.95
N GLU E 188 35.77 -18.43 0.56
CA GLU E 188 37.11 -18.73 0.09
C GLU E 188 38.06 -17.67 0.65
N ASN E 189 39.28 -18.05 1.01
CA ASN E 189 40.28 -17.01 1.23
C ASN E 189 40.53 -16.12 -0.02
N GLY E 190 40.68 -14.83 0.20
CA GLY E 190 41.14 -13.93 -0.82
C GLY E 190 40.44 -12.60 -0.81
N TRP E 191 40.41 -11.98 -1.96
CA TRP E 191 39.96 -10.60 -2.09
C TRP E 191 38.48 -10.57 -2.38
N TYR E 192 37.81 -9.70 -1.62
CA TYR E 192 36.44 -9.38 -1.77
C TYR E 192 36.34 -7.96 -2.29
N GLN E 193 35.60 -7.80 -3.38
CA GLN E 193 35.48 -6.57 -4.13
C GLN E 193 34.06 -6.13 -4.02
N PHE E 194 33.83 -4.93 -3.51
CA PHE E 194 32.48 -4.45 -3.21
C PHE E 194 32.28 -3.07 -3.77
N VAL E 195 31.05 -2.80 -4.19
CA VAL E 195 30.67 -1.49 -4.63
C VAL E 195 29.68 -0.88 -3.70
N VAL E 196 29.91 0.40 -3.40
CA VAL E 196 29.01 1.22 -2.56
C VAL E 196 28.40 2.27 -3.46
N GLY E 197 27.10 2.43 -3.29
CA GLY E 197 26.33 3.43 -4.00
C GLY E 197 25.14 3.90 -3.23
N ALA E 198 24.19 4.46 -3.94
CA ALA E 198 22.91 4.82 -3.36
C ALA E 198 21.81 4.62 -4.35
N ILE E 199 20.60 4.64 -3.78
CA ILE E 199 19.42 4.23 -4.56
C ILE E 199 18.19 5.00 -4.10
N ASN E 200 17.29 5.30 -5.05
CA ASN E 200 15.94 5.81 -4.77
C ASN E 200 15.95 6.91 -3.70
N PRO E 201 16.67 8.01 -3.98
CA PRO E 201 16.63 9.06 -3.01
C PRO E 201 15.22 9.66 -2.83
N ASP E 202 14.92 10.05 -1.61
CA ASP E 202 13.58 10.50 -1.26
C ASP E 202 13.18 11.69 -2.15
N ILE E 203 11.99 11.59 -2.70
CA ILE E 203 11.55 12.67 -3.61
C ILE E 203 11.65 14.01 -2.99
N ASP E 204 12.21 14.99 -3.73
CA ASP E 204 12.35 16.38 -3.32
C ASP E 204 13.33 16.64 -2.18
N SER E 205 14.15 15.62 -1.79
CA SER E 205 15.14 15.78 -0.76
C SER E 205 16.47 16.31 -1.32
N THR E 206 17.41 16.59 -0.45
CA THR E 206 18.73 16.96 -0.86
C THR E 206 19.39 15.93 -1.76
N ALA E 207 19.22 14.65 -1.38
CA ALA E 207 19.80 13.61 -2.18
C ALA E 207 19.16 13.52 -3.56
N TYR E 208 17.86 13.78 -3.62
CA TYR E 208 17.14 13.75 -4.91
C TYR E 208 17.63 14.86 -5.85
N GLY E 209 17.92 16.03 -5.30
CA GLY E 209 18.44 17.16 -6.14
C GLY E 209 17.46 17.50 -7.25
N SER E 210 18.01 17.56 -8.45
CA SER E 210 17.22 17.82 -9.66
C SER E 210 16.52 16.59 -10.19
N GLY E 211 16.70 15.46 -9.55
CA GLY E 211 15.94 14.29 -9.92
C GLY E 211 16.71 13.28 -10.81
N PRO E 212 16.00 12.25 -11.29
CA PRO E 212 16.68 11.19 -11.99
C PRO E 212 17.26 11.60 -13.35
N GLY E 213 16.71 12.65 -13.99
CA GLY E 213 17.24 13.06 -15.30
C GLY E 213 16.87 11.94 -16.29
N SER E 214 17.85 11.55 -17.05
CA SER E 214 17.66 10.51 -18.02
C SER E 214 18.03 9.16 -17.40
N GLY E 215 18.38 9.20 -16.12
CA GLY E 215 18.50 7.91 -15.40
C GLY E 215 19.58 7.93 -14.33
N ALA E 216 20.63 8.73 -14.52
CA ALA E 216 21.74 8.65 -13.60
C ALA E 216 21.68 9.66 -12.46
N GLY E 217 20.70 10.53 -12.49
CA GLY E 217 20.51 11.49 -11.42
C GLY E 217 21.49 12.64 -11.50
N PRO E 218 21.54 13.45 -10.42
CA PRO E 218 22.51 14.57 -10.35
C PRO E 218 23.94 14.10 -10.25
N ALA E 219 24.87 15.01 -10.57
CA ALA E 219 26.26 14.72 -10.57
C ALA E 219 26.89 14.83 -9.17
N THR E 220 26.12 15.34 -8.20
CA THR E 220 26.62 15.61 -6.85
C THR E 220 27.15 14.36 -6.17
N ALA E 221 28.30 14.50 -5.55
CA ALA E 221 28.89 13.43 -4.77
C ALA E 221 28.41 13.58 -3.35
N HIS E 222 27.95 12.49 -2.75
CA HIS E 222 27.56 12.48 -1.37
C HIS E 222 28.37 11.51 -0.58
N THR E 223 28.70 11.86 0.65
CA THR E 223 29.54 11.02 1.46
C THR E 223 28.80 9.90 2.16
N VAL E 224 29.33 8.69 2.04
CA VAL E 224 28.78 7.48 2.78
C VAL E 224 29.98 6.99 3.57
N HIS E 225 29.85 6.88 4.87
CA HIS E 225 30.88 6.34 5.73
C HIS E 225 30.79 4.81 5.75
N VAL E 226 31.91 4.12 5.55
CA VAL E 226 31.94 2.64 5.39
C VAL E 226 32.85 2.04 6.44
N GLU E 227 32.37 1.04 7.16
CA GLU E 227 33.16 0.36 8.12
C GLU E 227 33.09 -1.13 7.90
N VAL E 228 34.26 -1.71 7.75
CA VAL E 228 34.40 -3.13 7.52
C VAL E 228 34.84 -3.81 8.80
N SER E 229 34.04 -4.73 9.28
CA SER E 229 34.39 -5.53 10.50
C SER E 229 35.06 -6.88 10.08
N ILE E 230 36.39 -6.86 10.04
CA ILE E 230 37.23 -8.00 9.72
C ILE E 230 37.44 -8.79 11.03
N PRO E 231 37.20 -10.08 11.02
CA PRO E 231 37.36 -10.90 12.23
C PRO E 231 38.84 -11.00 12.68
N ALA F 28 26.90 -14.50 25.37
CA ALA F 28 25.95 -15.50 24.90
C ALA F 28 24.91 -15.75 25.98
N THR F 29 23.83 -16.38 25.55
CA THR F 29 22.70 -16.70 26.44
C THR F 29 22.19 -18.08 26.18
N ALA F 30 22.00 -18.79 27.26
CA ALA F 30 21.51 -20.15 27.17
C ALA F 30 20.12 -20.19 26.56
N ILE F 31 19.88 -21.25 25.77
CA ILE F 31 18.58 -21.53 25.17
C ILE F 31 18.25 -22.99 25.39
N SER F 32 16.96 -23.30 25.52
CA SER F 32 16.54 -24.68 25.55
C SER F 32 16.51 -25.25 24.13
N GLY F 33 17.25 -26.26 23.83
CA GLY F 33 17.30 -26.79 22.52
C GLY F 33 16.52 -28.11 22.36
N THR F 34 15.84 -28.28 21.24
CA THR F 34 15.32 -29.58 20.82
C THR F 34 16.22 -30.23 19.80
N PHE F 35 16.68 -31.46 20.09
CA PHE F 35 17.61 -32.19 19.23
C PHE F 35 16.85 -33.14 18.36
N PHE F 36 17.18 -33.13 17.07
CA PHE F 36 16.61 -34.04 16.09
C PHE F 36 17.65 -34.99 15.59
N ASP F 37 17.23 -36.20 15.26
CA ASP F 37 18.08 -37.15 14.59
C ASP F 37 17.24 -38.02 13.65
N LYS F 38 17.91 -38.88 12.91
CA LYS F 38 17.22 -39.70 11.93
C LYS F 38 16.07 -40.53 12.54
N ASN F 39 16.16 -40.84 13.83
CA ASN F 39 15.08 -41.57 14.52
C ASN F 39 14.36 -40.74 15.55
N ASN F 40 14.50 -39.39 15.45
CA ASN F 40 13.74 -38.46 16.25
C ASN F 40 13.53 -37.22 15.41
N THR F 41 12.62 -37.34 14.46
CA THR F 41 12.46 -36.39 13.40
C THR F 41 11.35 -35.36 13.65
N SER F 42 10.56 -35.51 14.68
CA SER F 42 9.49 -34.57 14.99
C SER F 42 9.52 -34.06 16.39
N ALA F 43 8.94 -32.91 16.58
CA ALA F 43 8.73 -32.37 17.86
C ALA F 43 7.64 -31.30 17.83
N ASP F 44 7.09 -31.00 18.98
CA ASP F 44 6.26 -29.85 19.16
C ASP F 44 7.06 -28.73 19.82
N MET F 45 7.10 -27.59 19.16
CA MET F 45 7.69 -26.41 19.72
C MET F 45 6.63 -25.42 20.15
N THR F 46 6.85 -24.61 21.19
CA THR F 46 5.85 -23.67 21.60
C THR F 46 6.45 -22.29 21.52
N VAL F 47 5.82 -21.42 20.76
CA VAL F 47 6.35 -20.11 20.41
C VAL F 47 5.31 -19.00 20.54
N ARG F 48 5.76 -17.76 20.76
CA ARG F 48 4.84 -16.67 20.82
C ARG F 48 4.43 -16.23 19.37
N ALA F 49 3.30 -15.56 19.27
CA ALA F 49 2.69 -15.33 17.91
C ALA F 49 3.50 -14.32 17.07
N TYR F 50 4.24 -13.44 17.75
CA TYR F 50 5.12 -12.48 17.09
C TYR F 50 6.64 -12.80 17.27
N SER F 51 6.96 -13.98 17.76
CA SER F 51 8.31 -14.30 18.22
C SER F 51 9.44 -14.15 17.22
N TRP F 52 9.11 -14.38 15.94
CA TRP F 52 10.13 -14.30 14.90
C TRP F 52 10.23 -12.92 14.28
N TYR F 53 9.33 -12.01 14.60
CA TYR F 53 9.33 -10.70 13.98
C TYR F 53 8.60 -9.69 14.81
N ASN F 54 9.32 -9.20 15.84
CA ASN F 54 8.74 -8.15 16.72
C ASN F 54 8.55 -6.82 15.96
N LEU F 55 7.55 -6.07 16.34
CA LEU F 55 7.23 -4.83 15.63
C LEU F 55 7.73 -3.65 16.41
N SER F 56 9.05 -3.59 16.48
CA SER F 56 9.77 -2.48 17.13
C SER F 56 11.11 -2.41 16.45
N MET F 57 11.80 -1.29 16.53
CA MET F 57 13.21 -1.25 16.14
C MET F 57 13.43 -1.70 14.72
N GLY F 58 14.39 -2.59 14.63
CA GLY F 58 14.81 -3.24 13.43
C GLY F 58 14.13 -4.56 13.21
N TYR F 59 12.97 -4.76 13.84
CA TYR F 59 12.09 -5.84 13.46
C TYR F 59 12.70 -7.18 13.67
N LEU F 60 13.19 -7.37 14.88
CA LEU F 60 13.99 -8.56 15.23
C LEU F 60 13.15 -9.65 15.88
N GLY F 61 13.57 -10.91 15.69
CA GLY F 61 13.01 -12.05 16.45
C GLY F 61 13.52 -12.00 17.92
N THR F 63 14.80 -14.23 20.95
CA THR F 63 15.43 -15.53 21.18
C THR F 63 14.67 -16.45 22.10
N HIS F 64 14.19 -15.89 23.20
CA HIS F 64 13.54 -16.73 24.18
C HIS F 64 12.07 -16.86 24.04
N HIS F 65 11.42 -16.09 23.12
CA HIS F 65 10.00 -16.26 22.76
C HIS F 65 9.81 -17.23 21.62
N SER F 66 10.92 -17.55 20.94
CA SER F 66 11.01 -18.53 19.91
C SER F 66 11.44 -19.85 20.52
N ASN F 67 11.60 -20.86 19.69
CA ASN F 67 12.12 -22.16 20.11
C ASN F 67 13.25 -22.61 19.17
N TRP F 68 14.25 -23.31 19.70
CA TRP F 68 15.46 -23.67 18.93
C TRP F 68 15.61 -25.13 18.71
N GLY F 69 16.05 -25.51 17.55
CA GLY F 69 16.33 -26.87 17.17
C GLY F 69 17.75 -27.05 16.74
N PHE F 70 18.26 -28.26 16.90
CA PHE F 70 19.58 -28.64 16.51
C PHE F 70 19.54 -30.00 15.83
N VAL F 71 20.31 -30.15 14.79
CA VAL F 71 20.43 -31.42 14.03
C VAL F 71 21.78 -31.47 13.36
N LYS F 72 22.47 -32.58 13.51
CA LYS F 72 23.75 -32.78 12.92
C LYS F 72 23.62 -33.49 11.55
N LEU F 73 24.09 -32.84 10.52
CA LEU F 73 23.80 -33.28 9.14
C LEU F 73 25.08 -33.46 8.30
N LYS F 74 24.94 -34.17 7.17
CA LYS F 74 26.01 -34.43 6.26
C LYS F 74 25.83 -33.51 5.02
N LYS F 75 26.96 -33.07 4.48
CA LYS F 75 27.02 -32.29 3.27
C LYS F 75 26.40 -33.07 2.15
N GLY F 76 25.58 -32.38 1.34
CA GLY F 76 25.20 -32.90 0.04
C GLY F 76 23.87 -33.57 -0.20
N LYS F 77 23.14 -33.90 0.82
CA LYS F 77 21.80 -34.44 0.50
C LYS F 77 20.72 -33.59 1.16
N PRO F 78 19.66 -33.30 0.38
CA PRO F 78 18.68 -32.36 0.82
C PRO F 78 17.96 -32.75 2.08
N VAL F 79 17.62 -31.70 2.86
CA VAL F 79 16.83 -31.78 4.10
C VAL F 79 15.58 -30.88 3.89
N THR F 80 14.46 -31.32 4.40
CA THR F 80 13.20 -30.56 4.47
C THR F 80 12.79 -30.39 5.88
N ILE F 81 12.39 -29.18 6.25
CA ILE F 81 11.79 -28.98 7.57
C ILE F 81 10.39 -28.45 7.34
N ALA F 82 9.38 -29.14 7.88
CA ALA F 82 8.00 -28.78 7.71
C ALA F 82 7.42 -28.37 9.03
N LEU F 83 6.72 -27.25 9.02
CA LEU F 83 6.05 -26.72 10.17
C LEU F 83 4.56 -26.66 10.00
N THR F 84 3.81 -27.11 11.00
CA THR F 84 2.35 -27.10 10.94
C THR F 84 1.82 -26.62 12.22
N THR F 85 0.64 -26.05 12.20
CA THR F 85 -0.01 -25.62 13.44
C THR F 85 -1.51 -25.76 13.28
N GLU F 86 -2.13 -26.04 14.39
CA GLU F 86 -3.59 -26.06 14.50
C GLU F 86 -4.15 -24.77 15.08
N VAL F 87 -3.31 -23.77 15.37
CA VAL F 87 -3.74 -22.57 16.01
C VAL F 87 -4.24 -21.59 15.00
N SER F 88 -5.47 -21.11 15.17
CA SER F 88 -6.05 -20.17 14.15
C SER F 88 -5.34 -18.86 14.18
N GLY F 89 -5.02 -18.40 12.99
CA GLY F 89 -4.34 -17.13 12.79
C GLY F 89 -2.84 -17.16 12.88
N LEU F 90 -2.25 -18.25 13.34
CA LEU F 90 -0.80 -18.32 13.54
C LEU F 90 -0.08 -18.65 12.26
N HIS F 91 1.05 -17.97 11.98
CA HIS F 91 1.84 -18.21 10.77
C HIS F 91 3.23 -18.61 11.20
N PRO F 92 3.50 -19.92 11.17
CA PRO F 92 4.87 -20.40 11.54
C PRO F 92 5.97 -19.88 10.64
N SER F 93 7.15 -19.78 11.23
CA SER F 93 8.33 -19.28 10.58
C SER F 93 9.59 -19.96 11.13
N ILE F 94 10.69 -19.91 10.33
CA ILE F 94 11.95 -20.58 10.64
C ILE F 94 13.08 -19.87 9.99
N THR F 95 14.19 -19.82 10.73
CA THR F 95 15.52 -19.55 10.17
C THR F 95 16.47 -20.67 10.51
N VAL F 96 17.27 -21.10 9.53
CA VAL F 96 18.30 -22.10 9.67
C VAL F 96 19.66 -21.51 9.48
N TRP F 97 20.59 -21.85 10.38
CA TRP F 97 22.01 -21.54 10.21
C TRP F 97 22.83 -22.79 10.39
N TYR F 98 24.04 -22.71 9.84
CA TYR F 98 25.08 -23.69 10.11
C TYR F 98 25.92 -23.16 11.26
N ARG F 99 26.05 -24.00 12.30
CA ARG F 99 26.78 -23.61 13.53
C ARG F 99 28.16 -24.19 13.38
N ALA F 100 29.06 -23.41 12.84
CA ALA F 100 30.39 -23.86 12.42
C ALA F 100 31.33 -24.05 13.55
N GLY F 101 32.11 -25.13 13.45
CA GLY F 101 33.27 -25.31 14.30
C GLY F 101 32.88 -25.93 15.58
N ALA F 102 31.61 -26.23 15.76
CA ALA F 102 31.13 -26.62 17.05
C ALA F 102 31.20 -28.06 16.89
N LYS F 103 31.78 -28.69 17.92
CA LYS F 103 32.20 -30.09 17.98
C LYS F 103 31.67 -30.72 19.26
N ASN F 104 31.99 -30.11 20.41
CA ASN F 104 31.39 -30.45 21.72
C ASN F 104 29.92 -30.02 21.82
N PRO F 105 28.98 -31.00 21.78
CA PRO F 105 27.58 -30.69 21.74
C PRO F 105 27.16 -29.88 22.94
N LYS F 106 27.88 -29.96 24.06
CA LYS F 106 27.49 -29.18 25.19
C LYS F 106 27.64 -27.66 24.99
N THR F 107 28.34 -27.26 23.95
CA THR F 107 28.45 -25.85 23.61
C THR F 107 27.30 -25.38 22.73
N LEU F 108 26.49 -26.30 22.23
CA LEU F 108 25.45 -25.90 21.28
C LEU F 108 24.33 -24.99 21.77
N PRO F 109 23.72 -25.25 22.93
CA PRO F 109 22.48 -24.58 23.30
C PRO F 109 22.67 -23.21 23.84
N TYR F 110 23.21 -22.37 23.01
CA TYR F 110 23.53 -20.98 23.31
C TYR F 110 23.20 -20.16 22.07
N MET F 111 22.81 -18.93 22.32
CA MET F 111 22.67 -17.94 21.26
C MET F 111 23.48 -16.70 21.57
N ASN F 112 23.69 -15.86 20.57
CA ASN F 112 24.54 -14.69 20.82
C ASN F 112 23.90 -13.58 21.62
N GLY F 113 22.59 -13.58 21.71
CA GLY F 113 21.89 -12.53 22.45
C GLY F 113 20.40 -12.80 22.46
N HIS F 114 19.65 -11.85 22.98
CA HIS F 114 18.19 -11.99 23.17
C HIS F 114 17.33 -11.69 21.96
N ALA F 115 17.99 -11.17 20.95
CA ALA F 115 17.34 -10.79 19.65
C ALA F 115 18.11 -11.38 18.51
N TYR F 116 17.43 -11.58 17.37
CA TYR F 116 18.08 -12.13 16.15
C TYR F 116 17.47 -11.51 14.94
N LYS F 117 18.36 -11.23 13.98
CA LYS F 117 17.85 -10.97 12.61
C LYS F 117 17.54 -12.31 11.98
N GLN F 118 16.53 -12.31 11.15
CA GLN F 118 16.01 -13.55 10.55
C GLN F 118 16.83 -14.08 9.38
N PHE F 119 17.80 -13.31 8.96
CA PHE F 119 18.75 -13.64 7.97
C PHE F 119 20.07 -12.98 8.33
N GLY F 120 21.10 -13.31 7.60
CA GLY F 120 22.46 -12.81 7.95
C GLY F 120 23.15 -13.72 8.92
N ASP F 121 24.45 -13.49 9.05
CA ASP F 121 25.34 -14.35 9.80
C ASP F 121 25.66 -13.74 11.13
N ILE F 122 25.93 -14.64 12.10
CA ILE F 122 26.16 -14.31 13.50
C ILE F 122 27.59 -14.67 13.87
N TYR F 123 28.28 -13.74 14.55
CA TYR F 123 29.57 -14.06 15.07
C TYR F 123 29.80 -13.51 16.47
N GLU F 124 30.09 -14.41 17.39
CA GLU F 124 30.40 -13.99 18.80
C GLU F 124 31.69 -14.69 19.17
N PRO F 125 32.80 -14.00 18.99
CA PRO F 125 34.08 -14.65 19.28
C PRO F 125 34.26 -14.95 20.76
N ASN F 126 34.91 -16.07 21.07
CA ASN F 126 35.17 -16.47 22.44
C ASN F 126 34.01 -16.22 23.38
N ALA F 127 32.84 -16.77 23.03
CA ALA F 127 31.62 -16.43 23.68
C ALA F 127 31.59 -17.07 25.07
N GLU F 128 31.02 -16.33 25.99
CA GLU F 128 30.79 -16.79 27.37
C GLU F 128 29.34 -16.55 27.74
N ALA F 129 28.79 -17.45 28.53
CA ALA F 129 27.51 -17.32 29.06
C ALA F 129 27.62 -17.52 30.60
N THR F 130 26.54 -17.35 31.33
CA THR F 130 26.62 -17.33 32.82
C THR F 130 25.63 -18.33 33.30
N PRO F 136 30.47 -18.11 34.98
CA PRO F 136 30.74 -17.99 33.53
C PRO F 136 31.14 -19.30 32.89
N VAL F 137 30.61 -19.53 31.69
CA VAL F 137 30.75 -20.77 30.96
C VAL F 137 31.35 -20.44 29.58
N LYS F 138 32.41 -21.12 29.16
CA LYS F 138 33.06 -20.87 27.84
C LYS F 138 32.41 -21.69 26.78
N VAL F 139 31.81 -21.02 25.81
CA VAL F 139 31.01 -21.66 24.76
C VAL F 139 31.84 -21.81 23.51
N GLY F 140 32.95 -21.08 23.40
CA GLY F 140 33.78 -21.04 22.21
C GLY F 140 33.24 -19.98 21.23
N ASN F 141 33.83 -19.91 20.06
CA ASN F 141 33.35 -18.98 19.04
C ASN F 141 31.96 -19.44 18.63
N ILE F 142 31.00 -18.52 18.58
CA ILE F 142 29.69 -18.84 17.97
C ILE F 142 29.83 -18.24 16.57
N ILE F 143 29.73 -19.11 15.60
CA ILE F 143 29.73 -18.78 14.22
C ILE F 143 28.45 -19.41 13.68
N MET F 144 27.55 -18.58 13.16
CA MET F 144 26.31 -19.10 12.55
C MET F 144 26.15 -18.57 11.16
N LYS F 145 26.27 -19.44 10.18
CA LYS F 145 26.18 -19.03 8.79
C LYS F 145 24.79 -19.27 8.26
N PHE F 146 24.14 -18.25 7.76
CA PHE F 146 22.75 -18.36 7.28
C PHE F 146 22.64 -19.36 6.14
N ILE F 147 21.64 -20.22 6.28
CA ILE F 147 21.31 -21.19 5.27
C ILE F 147 20.02 -20.84 4.47
N THR F 148 18.90 -20.74 5.18
CA THR F 148 17.61 -20.41 4.63
C THR F 148 16.66 -19.96 5.69
N ASN F 149 15.52 -19.45 5.25
CA ASN F 149 14.42 -19.09 6.10
C ASN F 149 13.12 -19.18 5.35
N GLY F 150 12.01 -19.02 6.08
CA GLY F 150 10.74 -18.87 5.49
C GLY F 150 9.71 -18.53 6.53
N PHE F 151 8.59 -18.05 6.00
CA PHE F 151 7.36 -17.90 6.75
C PHE F 151 6.15 -18.21 5.94
N ASP F 152 5.19 -18.80 6.65
CA ASP F 152 3.85 -19.05 6.09
C ASP F 152 3.15 -17.76 5.75
N ARG F 153 3.08 -17.43 4.44
CA ARG F 153 2.44 -16.24 4.00
C ARG F 153 1.00 -16.40 3.59
N ASP F 154 0.58 -17.63 3.49
CA ASP F 154 -0.84 -17.91 3.15
C ASP F 154 -1.77 -17.41 4.23
N GLY F 155 -2.84 -16.74 3.81
CA GLY F 155 -3.86 -16.29 4.73
C GLY F 155 -3.61 -14.89 5.27
N MET F 156 -2.48 -14.27 4.93
CA MET F 156 -2.15 -12.95 5.48
C MET F 156 -2.85 -11.85 4.69
N GLY F 157 -3.48 -12.20 3.56
CA GLY F 157 -4.20 -11.18 2.80
C GLY F 157 -3.44 -10.77 1.57
N ASP F 158 -3.98 -9.83 0.80
CA ASP F 158 -3.41 -9.53 -0.50
C ASP F 158 -2.16 -8.71 -0.43
N ALA F 159 -1.95 -7.99 0.65
CA ALA F 159 -0.74 -7.23 0.82
C ALA F 159 -0.35 -7.19 2.28
N LEU F 160 0.92 -7.30 2.53
CA LEU F 160 1.42 -7.13 3.86
C LEU F 160 1.78 -5.68 4.20
N PRO F 161 1.63 -5.31 5.46
CA PRO F 161 2.14 -4.02 5.92
C PRO F 161 3.60 -3.77 5.51
N ALA F 162 4.01 -2.48 5.37
CA ALA F 162 5.31 -2.17 4.88
C ALA F 162 6.44 -2.59 5.81
N GLU F 163 6.11 -2.73 7.09
CA GLU F 163 7.11 -3.24 8.00
C GLU F 163 7.69 -4.61 7.67
N TYR F 164 7.00 -5.38 6.82
CA TYR F 164 7.49 -6.67 6.44
C TYR F 164 8.33 -6.66 5.11
N ASP F 165 8.58 -5.49 4.53
CA ASP F 165 9.20 -5.37 3.24
C ASP F 165 10.71 -5.51 3.26
N GLN F 166 11.19 -6.67 3.62
CA GLN F 166 12.60 -7.07 3.54
C GLN F 166 12.71 -8.30 2.58
N SER F 167 13.58 -8.20 1.61
CA SER F 167 13.69 -9.16 0.54
C SER F 167 14.11 -10.54 1.03
N GLN F 168 14.96 -10.56 2.06
CA GLN F 168 15.56 -11.76 2.61
C GLN F 168 14.69 -12.44 3.71
N LEU F 169 13.54 -11.87 3.96
CA LEU F 169 12.58 -12.47 4.84
C LEU F 169 11.61 -13.26 3.96
N TYR F 170 11.89 -14.55 3.77
CA TYR F 170 11.26 -15.28 2.63
C TYR F 170 9.80 -15.60 2.89
N ARG F 171 8.90 -14.99 2.09
CA ARG F 171 7.52 -15.30 2.05
C ARG F 171 7.28 -16.57 1.25
N VAL F 172 6.65 -17.58 1.88
CA VAL F 172 6.42 -18.84 1.18
C VAL F 172 4.92 -19.20 1.19
N MET F 173 4.39 -19.58 0.02
CA MET F 173 2.94 -19.88 -0.10
C MET F 173 2.78 -21.27 -0.64
N ASP F 174 2.04 -22.08 0.08
CA ASP F 174 1.66 -23.38 -0.42
C ASP F 174 0.12 -23.50 -0.53
N GLY F 175 -0.60 -22.39 -0.45
CA GLY F 175 -2.03 -22.45 -0.44
C GLY F 175 -2.68 -22.85 0.88
N VAL F 176 -1.87 -23.10 1.93
CA VAL F 176 -2.39 -23.61 3.18
C VAL F 176 -1.92 -22.75 4.37
N PRO F 177 -2.80 -21.91 4.89
CA PRO F 177 -2.47 -21.17 6.12
C PRO F 177 -2.15 -22.16 7.24
N GLY F 178 -1.11 -21.82 7.98
CA GLY F 178 -0.65 -22.60 9.10
C GLY F 178 0.33 -23.70 8.81
N LYS F 179 0.76 -23.83 7.57
CA LYS F 179 1.74 -24.77 7.13
C LYS F 179 2.87 -24.08 6.36
N LEU F 180 4.07 -24.57 6.62
CA LEU F 180 5.28 -24.05 5.98
C LEU F 180 6.21 -25.19 5.71
N ALA F 181 6.90 -25.17 4.58
CA ALA F 181 8.02 -26.07 4.39
C ALA F 181 9.19 -25.23 3.88
N ILE F 182 10.38 -25.58 4.33
CA ILE F 182 11.67 -25.03 3.84
C ILE F 182 12.51 -26.25 3.43
N THR F 183 13.50 -26.01 2.61
CA THR F 183 14.47 -27.01 2.17
C THR F 183 15.87 -26.35 2.07
N PHE F 184 16.91 -27.20 2.17
CA PHE F 184 18.27 -26.78 2.01
C PHE F 184 19.12 -27.99 1.83
N THR F 185 20.24 -27.82 1.16
CA THR F 185 21.25 -28.90 1.09
C THR F 185 22.40 -28.46 1.92
N PRO F 186 22.67 -29.12 3.02
CA PRO F 186 23.79 -28.71 3.86
C PRO F 186 25.09 -28.53 3.14
N PRO F 187 25.69 -27.35 3.24
CA PRO F 187 26.93 -27.19 2.45
C PRO F 187 28.12 -27.79 3.12
N GLU F 188 28.01 -28.08 4.41
CA GLU F 188 29.08 -28.57 5.24
C GLU F 188 28.60 -29.59 6.25
N ASN F 189 29.43 -30.56 6.56
CA ASN F 189 29.11 -31.46 7.61
C ASN F 189 29.11 -30.76 8.96
N GLY F 190 28.13 -31.01 9.77
CA GLY F 190 28.12 -30.56 11.16
C GLY F 190 26.77 -30.12 11.64
N TRP F 191 26.79 -29.24 12.65
CA TRP F 191 25.58 -28.88 13.35
C TRP F 191 24.84 -27.78 12.67
N TYR F 192 23.52 -28.00 12.50
CA TYR F 192 22.57 -26.99 12.00
C TYR F 192 21.67 -26.56 13.16
N GLN F 193 21.58 -25.24 13.34
CA GLN F 193 20.90 -24.60 14.40
C GLN F 193 19.80 -23.78 13.86
N PHE F 194 18.56 -24.05 14.26
CA PHE F 194 17.45 -23.33 13.67
C PHE F 194 16.51 -22.78 14.73
N VAL F 195 15.83 -21.71 14.36
CA VAL F 195 14.89 -21.09 15.23
C VAL F 195 13.51 -21.19 14.62
N VAL F 196 12.54 -21.64 15.44
CA VAL F 196 11.11 -21.67 15.03
C VAL F 196 10.37 -20.59 15.75
N GLY F 197 9.52 -19.83 15.06
CA GLY F 197 8.71 -18.81 15.63
C GLY F 197 7.43 -18.64 14.89
N ALA F 198 6.89 -17.45 15.06
CA ALA F 198 5.72 -17.02 14.27
C ALA F 198 5.74 -15.56 13.99
N ILE F 199 4.92 -15.13 13.06
CA ILE F 199 4.92 -13.79 12.49
C ILE F 199 3.58 -13.33 12.11
N ASN F 200 3.26 -12.04 12.33
CA ASN F 200 2.05 -11.40 11.74
C ASN F 200 0.77 -12.22 11.92
N PRO F 201 0.42 -12.58 13.16
CA PRO F 201 -0.82 -13.34 13.35
C PRO F 201 -2.04 -12.55 12.83
N ASP F 202 -3.03 -13.27 12.31
CA ASP F 202 -4.20 -12.61 11.76
C ASP F 202 -4.98 -11.86 12.86
N ILE F 203 -5.41 -10.66 12.53
CA ILE F 203 -6.32 -9.95 13.40
C ILE F 203 -7.55 -10.81 13.63
N ASP F 204 -8.09 -10.82 14.88
CA ASP F 204 -9.30 -11.69 15.18
C ASP F 204 -9.04 -13.16 15.04
N SER F 205 -8.10 -13.62 15.82
CA SER F 205 -7.69 -14.99 15.90
C SER F 205 -7.10 -15.29 17.22
N THR F 206 -7.07 -16.58 17.54
CA THR F 206 -6.43 -17.08 18.73
C THR F 206 -5.05 -16.54 18.81
N ALA F 207 -4.36 -16.61 17.67
CA ALA F 207 -2.98 -16.20 17.66
C ALA F 207 -2.75 -14.72 17.97
N TYR F 208 -3.64 -13.86 17.47
CA TYR F 208 -3.50 -12.43 17.69
C TYR F 208 -3.51 -12.05 19.15
N GLY F 209 -4.37 -12.71 19.95
CA GLY F 209 -4.48 -12.37 21.34
C GLY F 209 -4.70 -10.89 21.50
N SER F 210 -3.97 -10.27 22.44
CA SER F 210 -4.08 -8.86 22.70
C SER F 210 -3.37 -7.96 21.69
N GLY F 211 -2.83 -8.55 20.64
CA GLY F 211 -2.10 -7.81 19.63
C GLY F 211 -0.63 -7.54 19.91
N PRO F 212 0.00 -6.71 19.09
CA PRO F 212 1.44 -6.56 19.14
C PRO F 212 1.98 -5.85 20.37
N GLY F 213 1.14 -5.09 21.05
CA GLY F 213 1.65 -4.37 22.18
C GLY F 213 2.78 -3.43 21.79
N SER F 214 3.86 -3.41 22.57
CA SER F 214 5.00 -2.53 22.20
C SER F 214 5.92 -3.24 21.24
N GLY F 215 5.48 -4.42 20.77
CA GLY F 215 6.17 -5.05 19.64
C GLY F 215 6.32 -6.56 19.73
N ALA F 216 6.34 -7.11 20.92
CA ALA F 216 6.57 -8.56 21.14
C ALA F 216 5.36 -9.45 21.21
N GLY F 217 4.23 -8.77 21.21
CA GLY F 217 2.95 -9.43 21.32
C GLY F 217 2.61 -10.11 22.60
N PRO F 218 1.57 -10.94 22.59
CA PRO F 218 1.19 -11.64 23.84
C PRO F 218 2.18 -12.68 24.32
N ALA F 219 2.09 -13.00 25.61
CA ALA F 219 2.96 -14.00 26.19
C ALA F 219 2.58 -15.42 25.90
N THR F 220 1.39 -15.66 25.31
CA THR F 220 0.90 -16.92 25.07
C THR F 220 1.79 -17.73 24.14
N ALA F 221 1.97 -18.99 24.48
CA ALA F 221 2.79 -19.93 23.75
C ALA F 221 1.90 -20.83 22.93
N HIS F 222 2.20 -20.94 21.66
CA HIS F 222 1.37 -21.66 20.73
C HIS F 222 2.16 -22.78 20.10
N THR F 223 1.56 -23.95 19.90
CA THR F 223 2.25 -25.09 19.42
C THR F 223 2.41 -25.09 17.90
N VAL F 224 3.65 -25.30 17.49
CA VAL F 224 3.98 -25.54 16.11
C VAL F 224 4.65 -26.92 16.06
N HIS F 225 4.14 -27.84 15.25
CA HIS F 225 4.73 -29.11 15.03
C HIS F 225 5.76 -29.05 13.95
N VAL F 226 6.90 -29.67 14.25
CA VAL F 226 8.06 -29.64 13.43
C VAL F 226 8.43 -31.03 12.96
N GLU F 227 8.62 -31.21 11.66
CA GLU F 227 9.08 -32.46 11.11
C GLU F 227 10.28 -32.23 10.20
N VAL F 228 11.41 -32.92 10.51
CA VAL F 228 12.72 -32.74 9.81
C VAL F 228 12.98 -34.00 8.97
N SER F 229 13.01 -33.89 7.65
CA SER F 229 13.28 -35.03 6.78
C SER F 229 14.75 -35.13 6.52
N ILE F 230 15.39 -36.14 7.10
CA ILE F 230 16.83 -36.31 7.09
C ILE F 230 17.14 -37.50 6.16
N PRO F 231 17.93 -37.32 5.12
CA PRO F 231 18.16 -38.39 4.17
C PRO F 231 19.08 -39.50 4.72
#